data_7H9F
#
_entry.id   7H9F
#
_cell.length_a   87.858
_cell.length_b   87.858
_cell.length_c   85.814
_cell.angle_alpha   90.00
_cell.angle_beta   90.00
_cell.angle_gamma   120.00
#
_symmetry.space_group_name_H-M   'P 31'
#
loop_
_entity.id
_entity.type
_entity.pdbx_description
1 polymer 'Non-structural protein 3'
2 non-polymer 'DIMETHYL SULFOXIDE'
3 non-polymer 2-AMINO-2-HYDROXYMETHYL-PROPANE-1,3-DIOL
4 non-polymer 'CHLORIDE ION'
5 non-polymer 1H-indole-4-carboxamide
6 water water
#
_entity_poly.entity_id   1
_entity_poly.type   'polypeptide(L)'
_entity_poly.pdbx_seq_one_letter_code
;GAMAPSYRVKRMDIAKNDEECVVNAANPRGLPGDGVCKAVYKKWPESFKNSATPVGTAKTVMCGTYPVIHAVGPNFSNYT
ESEGDRELAAAYREVAKEVTRLGVNSVAIPLLSTGVYSGGKDRLTQSLNHLFTAMDSTDADVVIYCRDKEWEKKISEAIQ
MRT
;
_entity_poly.pdbx_strand_id   A,B,C,D
#
loop_
_chem_comp.id
_chem_comp.type
_chem_comp.name
_chem_comp.formula
CL non-polymer 'CHLORIDE ION' 'Cl -1'
DMS non-polymer 'DIMETHYL SULFOXIDE' 'C2 H6 O S'
TRS non-polymer 2-AMINO-2-HYDROXYMETHYL-PROPANE-1,3-DIOL 'C4 H12 N O3 1'
W6D non-polymer 1H-indole-4-carboxamide 'C9 H8 N2 O'
#
# COMPACT_ATOMS: atom_id res chain seq x y z
N GLY A 1 18.60 -12.95 9.99
CA GLY A 1 18.22 -13.02 11.45
C GLY A 1 18.37 -11.68 12.15
N ALA A 2 17.76 -11.51 13.33
CA ALA A 2 17.96 -10.34 14.20
C ALA A 2 19.34 -10.43 14.86
N MET A 3 20.00 -9.30 15.11
CA MET A 3 21.40 -9.31 15.66
C MET A 3 21.43 -9.97 17.04
N ALA A 4 20.45 -9.69 17.90
CA ALA A 4 20.35 -10.29 19.26
C ALA A 4 18.89 -10.65 19.44
N PRO A 5 18.45 -11.77 18.84
CA PRO A 5 17.03 -12.15 18.86
C PRO A 5 16.37 -12.02 20.25
N SER A 6 15.21 -11.36 20.32
CA SER A 6 14.55 -11.00 21.59
C SER A 6 13.08 -11.40 21.58
N TYR A 7 12.45 -11.42 22.75
CA TYR A 7 10.98 -11.44 22.92
C TYR A 7 10.55 -10.12 23.56
N ARG A 8 9.45 -9.56 23.09
CA ARG A 8 8.81 -8.35 23.67
C ARG A 8 7.31 -8.60 23.72
N VAL A 9 6.61 -7.83 24.54
CA VAL A 9 5.14 -7.86 24.56
C VAL A 9 4.65 -6.43 24.45
N LYS A 10 3.59 -6.22 23.68
CA LYS A 10 2.91 -4.92 23.60
C LYS A 10 1.41 -5.12 23.76
N ARG A 11 0.76 -4.18 24.44
CA ARG A 11 -0.71 -4.17 24.63
C ARG A 11 -1.31 -3.18 23.62
N MET A 12 -1.57 -3.65 22.40
CA MET A 12 -2.19 -2.84 21.32
C MET A 12 -2.73 -3.77 20.23
N ASP A 13 -3.40 -3.19 19.26
CA ASP A 13 -3.97 -3.87 18.08
C ASP A 13 -2.83 -4.44 17.22
N ILE A 14 -2.78 -5.76 17.03
CA ILE A 14 -1.75 -6.43 16.16
C ILE A 14 -1.84 -5.91 14.72
N ALA A 15 -2.99 -5.39 14.27
CA ALA A 15 -3.15 -4.73 12.95
C ALA A 15 -2.31 -3.46 12.77
N LYS A 16 -1.77 -2.89 13.86
CA LYS A 16 -0.87 -1.71 13.81
C LYS A 16 0.55 -2.12 14.24
N ASN A 17 0.95 -3.38 14.02
CA ASN A 17 2.29 -3.88 14.41
C ASN A 17 3.41 -3.18 13.61
N ASP A 18 4.62 -3.21 14.15
CA ASP A 18 5.83 -2.64 13.52
C ASP A 18 6.80 -3.76 13.17
N GLU A 19 6.30 -4.94 12.81
CA GLU A 19 7.15 -6.09 12.44
C GLU A 19 7.08 -6.43 10.93
N GLU A 20 7.96 -7.30 10.46
CA GLU A 20 8.06 -7.61 9.01
C GLU A 20 7.00 -8.61 8.56
N CYS A 21 6.24 -9.21 9.48
CA CYS A 21 5.11 -10.12 9.17
C CYS A 21 4.23 -10.28 10.40
N VAL A 22 3.03 -10.81 10.20
CA VAL A 22 2.02 -10.95 11.25
C VAL A 22 1.52 -12.40 11.25
N VAL A 23 1.24 -12.92 12.43
CA VAL A 23 0.53 -14.21 12.59
C VAL A 23 -0.93 -13.90 12.90
N ASN A 24 -1.84 -14.45 12.10
CA ASN A 24 -3.30 -14.36 12.33
C ASN A 24 -3.73 -15.55 13.20
N ALA A 25 -4.54 -15.30 14.23
CA ALA A 25 -5.27 -16.34 14.98
C ALA A 25 -6.50 -16.69 14.15
N ALA A 26 -6.30 -17.51 13.13
CA ALA A 26 -7.26 -17.81 12.04
C ALA A 26 -8.26 -18.90 12.47
N ASN A 27 -9.35 -18.98 11.72
CA ASN A 27 -10.25 -20.16 11.75
C ASN A 27 -9.89 -21.05 10.57
N PRO A 28 -10.26 -22.35 10.62
CA PRO A 28 -9.87 -23.28 9.55
C PRO A 28 -10.45 -22.96 8.15
N ARG A 29 -11.53 -22.17 8.08
CA ARG A 29 -12.31 -21.95 6.83
C ARG A 29 -11.88 -20.68 6.13
N GLY A 30 -10.94 -19.91 6.68
CA GLY A 30 -10.51 -18.65 6.04
C GLY A 30 -11.58 -17.59 6.12
N LEU A 31 -12.44 -17.65 7.12
CA LEU A 31 -13.55 -16.66 7.29
C LEU A 31 -13.05 -15.44 8.04
N PRO A 32 -13.69 -14.27 7.86
CA PRO A 32 -13.28 -13.05 8.57
C PRO A 32 -13.30 -13.19 10.09
N GLY A 33 -14.22 -13.97 10.64
CA GLY A 33 -14.20 -14.32 12.06
C GLY A 33 -14.42 -13.13 13.00
N ASP A 34 -13.82 -13.20 14.20
CA ASP A 34 -13.94 -12.16 15.27
C ASP A 34 -12.56 -11.95 15.92
N GLY A 35 -12.45 -10.93 16.79
CA GLY A 35 -11.23 -10.64 17.56
C GLY A 35 -10.06 -10.30 16.67
N VAL A 36 -8.90 -10.91 16.92
CA VAL A 36 -7.66 -10.69 16.11
C VAL A 36 -7.99 -10.96 14.63
N CYS A 37 -8.73 -12.03 14.34
CA CYS A 37 -9.00 -12.50 12.96
C CYS A 37 -9.74 -11.40 12.18
N LYS A 38 -10.70 -10.72 12.81
CA LYS A 38 -11.50 -9.65 12.16
C LYS A 38 -10.63 -8.41 11.92
N ALA A 39 -9.74 -8.07 12.87
CA ALA A 39 -8.82 -6.90 12.74
C ALA A 39 -7.85 -7.17 11.58
N VAL A 40 -7.37 -8.40 11.48
CA VAL A 40 -6.45 -8.85 10.40
C VAL A 40 -7.19 -8.78 9.06
N TYR A 41 -8.45 -9.23 9.04
CA TYR A 41 -9.28 -9.18 7.80
C TYR A 41 -9.49 -7.74 7.30
N LYS A 42 -9.76 -6.82 8.22
CA LYS A 42 -9.95 -5.37 7.94
C LYS A 42 -8.65 -4.78 7.36
N LYS A 43 -7.50 -5.17 7.92
CA LYS A 43 -6.16 -4.57 7.56
C LYS A 43 -5.60 -5.21 6.28
N TRP A 44 -5.72 -6.51 6.10
CA TRP A 44 -5.06 -7.29 5.05
C TRP A 44 -6.06 -8.23 4.38
N PRO A 45 -7.20 -7.73 3.87
CA PRO A 45 -8.23 -8.63 3.34
C PRO A 45 -7.75 -9.53 2.19
N GLU A 46 -6.80 -9.03 1.39
CA GLU A 46 -6.20 -9.79 0.26
C GLU A 46 -5.54 -11.09 0.71
N SER A 47 -5.06 -11.13 1.97
CA SER A 47 -4.36 -12.29 2.57
C SER A 47 -5.34 -13.46 2.81
N PHE A 48 -6.66 -13.25 2.67
CA PHE A 48 -7.67 -14.33 2.93
C PHE A 48 -8.09 -15.07 1.66
N LYS A 49 -7.42 -14.83 0.52
CA LYS A 49 -7.52 -15.69 -0.71
C LYS A 49 -6.91 -17.08 -0.48
N ASN A 50 -7.73 -18.15 -0.43
CA ASN A 50 -7.25 -19.54 -0.23
C ASN A 50 -6.41 -19.63 1.06
N SER A 51 -6.86 -18.97 2.11
CA SER A 51 -6.20 -19.06 3.45
C SER A 51 -6.72 -20.25 4.29
N ALA A 52 -7.82 -20.90 3.91
CA ALA A 52 -8.40 -22.04 4.67
C ALA A 52 -7.34 -23.14 4.84
N THR A 53 -7.22 -23.69 6.06
CA THR A 53 -6.17 -24.68 6.43
C THR A 53 -6.63 -25.43 7.68
N PRO A 54 -6.25 -26.72 7.89
CA PRO A 54 -6.78 -27.47 9.03
C PRO A 54 -6.25 -26.97 10.38
N VAL A 55 -6.88 -27.44 11.45
CA VAL A 55 -6.43 -27.15 12.83
C VAL A 55 -5.01 -27.70 13.01
N GLY A 56 -4.13 -26.93 13.67
CA GLY A 56 -2.79 -27.37 14.00
C GLY A 56 -1.78 -27.03 12.91
N THR A 57 -2.18 -26.27 11.89
CA THR A 57 -1.36 -25.83 10.73
C THR A 57 -1.34 -24.33 10.58
N ALA A 58 -0.44 -23.87 9.72
CA ALA A 58 -0.26 -22.46 9.38
C ALA A 58 -0.13 -22.38 7.87
N LYS A 59 -0.75 -21.39 7.28
CA LYS A 59 -0.65 -21.14 5.83
C LYS A 59 -0.41 -19.64 5.65
N THR A 60 0.65 -19.29 4.91
CA THR A 60 1.04 -17.87 4.63
C THR A 60 0.44 -17.43 3.29
N VAL A 61 -0.21 -16.29 3.28
CA VAL A 61 -0.70 -15.60 2.06
C VAL A 61 -0.15 -14.18 2.14
N MET A 62 0.42 -13.71 1.02
N MET A 62 0.45 -13.72 1.04
CA MET A 62 1.01 -12.35 0.90
CA MET A 62 1.01 -12.34 0.94
C MET A 62 -0.12 -11.33 0.71
C MET A 62 -0.14 -11.34 0.73
N CYS A 63 -0.08 -10.20 1.42
CA CYS A 63 -0.87 -8.98 1.12
C CYS A 63 0.13 -7.99 0.51
N GLY A 64 0.16 -7.83 -0.82
CA GLY A 64 1.28 -7.13 -1.49
C GLY A 64 2.57 -7.89 -1.29
N THR A 65 3.56 -7.36 -0.56
CA THR A 65 4.76 -8.14 -0.14
C THR A 65 4.76 -8.43 1.36
N TYR A 66 3.68 -8.11 2.08
CA TYR A 66 3.63 -8.28 3.55
C TYR A 66 3.03 -9.64 3.87
N PRO A 67 3.77 -10.59 4.49
CA PRO A 67 3.24 -11.94 4.75
C PRO A 67 2.30 -12.00 5.94
N VAL A 68 1.16 -12.68 5.73
CA VAL A 68 0.18 -12.96 6.80
C VAL A 68 0.20 -14.47 6.99
N ILE A 69 0.65 -14.94 8.16
CA ILE A 69 0.77 -16.38 8.48
C ILE A 69 -0.55 -16.74 9.24
N HIS A 70 -1.49 -17.40 8.56
CA HIS A 70 -2.75 -17.88 9.17
C HIS A 70 -2.49 -19.12 10.00
N ALA A 71 -2.52 -19.00 11.33
CA ALA A 71 -2.22 -20.13 12.23
C ALA A 71 -3.51 -20.55 12.93
N VAL A 72 -3.88 -21.82 12.75
CA VAL A 72 -5.19 -22.31 13.27
C VAL A 72 -4.99 -23.11 14.57
N GLY A 73 -5.23 -22.45 15.69
CA GLY A 73 -5.31 -23.09 17.00
C GLY A 73 -6.60 -23.88 17.16
N PRO A 74 -6.59 -24.90 18.03
CA PRO A 74 -7.82 -25.63 18.37
C PRO A 74 -8.84 -24.78 19.15
N ASN A 75 -10.12 -25.03 18.88
CA ASN A 75 -11.23 -24.49 19.73
C ASN A 75 -11.46 -25.50 20.87
N PHE A 76 -11.10 -25.12 22.09
CA PHE A 76 -11.12 -26.03 23.27
C PHE A 76 -12.58 -26.32 23.69
N SER A 77 -13.57 -25.67 23.10
CA SER A 77 -14.98 -26.14 23.23
C SER A 77 -15.18 -27.49 22.54
N ASN A 78 -14.42 -27.78 21.48
CA ASN A 78 -14.61 -28.99 20.66
C ASN A 78 -13.60 -30.08 20.99
N TYR A 79 -12.36 -29.73 21.36
CA TYR A 79 -11.26 -30.70 21.56
C TYR A 79 -11.22 -31.12 23.04
N THR A 80 -10.78 -32.33 23.33
CA THR A 80 -10.38 -32.72 24.70
C THR A 80 -9.15 -31.88 25.11
N GLU A 81 -8.93 -31.69 26.42
CA GLU A 81 -7.74 -30.94 26.92
C GLU A 81 -6.48 -31.50 26.29
N SER A 82 -6.35 -32.81 26.22
CA SER A 82 -5.16 -33.54 25.71
C SER A 82 -4.98 -33.30 24.20
N GLU A 83 -6.03 -33.50 23.42
CA GLU A 83 -5.91 -33.32 21.95
C GLU A 83 -5.72 -31.85 21.62
N GLY A 84 -6.37 -30.97 22.36
CA GLY A 84 -6.31 -29.53 22.13
C GLY A 84 -4.89 -29.07 22.38
N ASP A 85 -4.30 -29.59 23.45
CA ASP A 85 -2.92 -29.22 23.83
C ASP A 85 -1.97 -29.61 22.69
N ARG A 86 -2.16 -30.80 22.10
CA ARG A 86 -1.28 -31.31 21.02
C ARG A 86 -1.41 -30.41 19.78
N GLU A 87 -2.64 -30.06 19.40
CA GLU A 87 -2.88 -29.23 18.19
C GLU A 87 -2.35 -27.81 18.41
N LEU A 88 -2.43 -27.28 19.64
CA LEU A 88 -1.97 -25.92 19.97
C LEU A 88 -0.45 -25.87 19.82
N ALA A 89 0.23 -26.87 20.36
CA ALA A 89 1.70 -27.03 20.20
C ALA A 89 2.04 -27.11 18.71
N ALA A 90 1.31 -27.90 17.92
CA ALA A 90 1.58 -28.10 16.49
C ALA A 90 1.43 -26.76 15.72
N ALA A 91 0.34 -26.02 15.94
CA ALA A 91 0.11 -24.74 15.23
C ALA A 91 1.37 -23.86 15.39
N TYR A 92 1.90 -23.76 16.61
CA TYR A 92 3.09 -22.89 16.84
C TYR A 92 4.31 -23.48 16.14
N ARG A 93 4.51 -24.80 16.09
CA ARG A 93 5.68 -25.35 15.35
C ARG A 93 5.56 -24.95 13.87
N GLU A 94 4.35 -24.98 13.29
CA GLU A 94 4.17 -24.61 11.85
C GLU A 94 4.45 -23.12 11.69
N VAL A 95 4.12 -22.26 12.68
CA VAL A 95 4.48 -20.83 12.63
C VAL A 95 6.01 -20.68 12.55
N ALA A 96 6.75 -21.36 13.42
CA ALA A 96 8.25 -21.32 13.41
C ALA A 96 8.83 -21.71 12.04
N LYS A 97 8.29 -22.74 11.37
CA LYS A 97 8.71 -23.15 10.00
C LYS A 97 8.47 -22.00 9.03
N GLU A 98 7.27 -21.36 9.08
CA GLU A 98 6.92 -20.32 8.11
C GLU A 98 7.80 -19.07 8.30
N VAL A 99 8.03 -18.69 9.56
CA VAL A 99 8.83 -17.49 9.90
C VAL A 99 10.23 -17.74 9.37
N THR A 100 10.73 -18.97 9.52
CA THR A 100 12.10 -19.33 9.06
C THR A 100 12.14 -19.30 7.53
N ARG A 101 11.16 -19.90 6.87
CA ARG A 101 11.11 -19.97 5.39
C ARG A 101 11.09 -18.56 4.79
N LEU A 102 10.34 -17.64 5.39
CA LEU A 102 10.13 -16.26 4.87
C LEU A 102 11.43 -15.44 5.00
N GLY A 103 12.32 -15.79 5.94
CA GLY A 103 13.60 -15.07 6.15
C GLY A 103 13.40 -13.69 6.79
N VAL A 104 12.25 -13.43 7.44
CA VAL A 104 11.96 -12.18 8.19
C VAL A 104 12.91 -12.04 9.40
N ASN A 105 13.18 -10.81 9.83
CA ASN A 105 13.94 -10.53 11.05
C ASN A 105 13.02 -10.25 12.23
N SER A 106 11.71 -10.19 12.00
CA SER A 106 10.74 -9.91 13.08
C SER A 106 9.36 -10.45 12.69
N VAL A 107 8.55 -10.72 13.70
CA VAL A 107 7.17 -11.29 13.57
C VAL A 107 6.31 -10.79 14.73
N ALA A 108 5.10 -10.33 14.43
CA ALA A 108 4.04 -10.01 15.40
C ALA A 108 3.16 -11.26 15.59
N ILE A 109 2.93 -11.67 16.83
N ILE A 109 2.98 -11.71 16.83
CA ILE A 109 2.20 -12.95 17.13
CA ILE A 109 2.23 -12.96 17.17
C ILE A 109 1.24 -12.77 18.30
C ILE A 109 1.21 -12.67 18.27
N PRO A 110 -0.03 -13.22 18.16
CA PRO A 110 -0.98 -13.23 19.27
C PRO A 110 -0.86 -14.58 20.02
N LEU A 111 -1.46 -14.70 21.22
CA LEU A 111 -1.47 -16.02 21.90
C LEU A 111 -2.67 -16.82 21.38
N LEU A 112 -2.38 -17.88 20.64
CA LEU A 112 -3.41 -18.73 20.00
C LEU A 112 -4.23 -19.40 21.08
N SER A 113 -5.51 -19.56 20.76
CA SER A 113 -6.49 -20.34 21.56
C SER A 113 -6.72 -19.70 22.94
N THR A 114 -6.47 -18.40 23.14
CA THR A 114 -6.68 -17.74 24.46
C THR A 114 -7.93 -16.86 24.49
N GLY A 115 -8.60 -16.68 23.33
CA GLY A 115 -9.84 -15.88 23.21
C GLY A 115 -11.07 -16.78 23.14
N VAL A 116 -11.85 -16.66 22.07
CA VAL A 116 -13.13 -17.41 21.89
C VAL A 116 -12.85 -18.91 21.75
N TYR A 117 -11.61 -19.30 21.44
CA TYR A 117 -11.22 -20.72 21.29
C TYR A 117 -10.70 -21.30 22.61
N SER A 118 -10.71 -20.54 23.71
CA SER A 118 -10.14 -20.95 25.02
C SER A 118 -11.07 -21.98 25.71
N GLY A 119 -12.34 -22.07 25.29
CA GLY A 119 -13.32 -22.95 25.96
C GLY A 119 -13.59 -22.46 27.39
N GLY A 120 -13.51 -21.14 27.58
CA GLY A 120 -13.83 -20.43 28.84
C GLY A 120 -12.71 -20.48 29.88
N LYS A 121 -11.49 -20.94 29.53
CA LYS A 121 -10.37 -21.14 30.50
C LYS A 121 -9.26 -20.12 30.24
N ASP A 122 -8.45 -19.86 31.26
CA ASP A 122 -7.27 -18.97 31.16
C ASP A 122 -6.17 -19.87 30.65
N ARG A 123 -5.69 -19.61 29.43
CA ARG A 123 -4.64 -20.45 28.79
C ARG A 123 -3.38 -19.63 28.48
N LEU A 124 -3.19 -18.49 29.17
CA LEU A 124 -2.03 -17.59 28.96
C LEU A 124 -0.74 -18.41 29.03
N THR A 125 -0.51 -19.11 30.15
CA THR A 125 0.75 -19.86 30.40
C THR A 125 0.86 -21.02 29.41
N GLN A 126 -0.23 -21.77 29.19
CA GLN A 126 -0.24 -22.93 28.26
C GLN A 126 0.18 -22.47 26.85
N SER A 127 -0.47 -21.43 26.32
CA SER A 127 -0.24 -20.94 24.94
C SER A 127 1.14 -20.29 24.81
N LEU A 128 1.51 -19.45 25.80
CA LEU A 128 2.82 -18.76 25.79
C LEU A 128 3.96 -19.79 25.83
N ASN A 129 3.83 -20.88 26.58
CA ASN A 129 4.95 -21.84 26.69
C ASN A 129 5.08 -22.57 25.37
N HIS A 130 3.95 -22.87 24.70
CA HIS A 130 4.00 -23.54 23.37
C HIS A 130 4.65 -22.59 22.35
N LEU A 131 4.38 -21.29 22.47
CA LEU A 131 4.96 -20.22 21.64
C LEU A 131 6.49 -20.27 21.85
N PHE A 132 6.92 -20.28 23.09
CA PHE A 132 8.37 -20.34 23.41
C PHE A 132 8.98 -21.62 22.85
N THR A 133 8.35 -22.78 23.02
CA THR A 133 8.92 -24.07 22.57
C THR A 133 9.21 -24.01 21.07
N ALA A 134 8.33 -23.38 20.31
CA ALA A 134 8.43 -23.32 18.84
C ALA A 134 9.47 -22.26 18.44
N MET A 135 9.42 -21.09 19.05
CA MET A 135 10.12 -19.92 18.50
C MET A 135 11.54 -19.79 19.07
N ASP A 136 11.88 -20.53 20.11
CA ASP A 136 13.19 -20.34 20.81
C ASP A 136 14.33 -20.64 19.85
N SER A 137 14.17 -21.58 18.93
CA SER A 137 15.23 -21.97 17.96
C SER A 137 15.27 -21.05 16.73
N THR A 138 14.33 -20.10 16.61
CA THR A 138 14.34 -19.12 15.48
C THR A 138 15.17 -17.89 15.89
N ASP A 139 15.64 -17.09 14.94
CA ASP A 139 16.43 -15.88 15.25
C ASP A 139 15.67 -14.62 14.85
N ALA A 140 14.35 -14.69 14.66
CA ALA A 140 13.54 -13.47 14.49
C ALA A 140 13.27 -12.79 15.84
N ASP A 141 13.22 -11.46 15.85
CA ASP A 141 12.62 -10.70 16.97
C ASP A 141 11.13 -11.02 17.03
N VAL A 142 10.67 -11.55 18.15
CA VAL A 142 9.23 -11.91 18.35
C VAL A 142 8.57 -10.83 19.18
N VAL A 143 7.45 -10.28 18.72
CA VAL A 143 6.67 -9.28 19.48
C VAL A 143 5.27 -9.83 19.68
N ILE A 144 4.94 -10.13 20.91
CA ILE A 144 3.63 -10.73 21.31
C ILE A 144 2.64 -9.60 21.56
N TYR A 145 1.47 -9.65 20.94
CA TYR A 145 0.42 -8.62 21.07
C TYR A 145 -0.70 -9.17 21.96
N CYS A 146 -1.18 -8.38 22.92
CA CYS A 146 -2.29 -8.74 23.83
C CYS A 146 -3.16 -7.51 24.02
N ARG A 147 -4.31 -7.62 24.67
CA ARG A 147 -5.22 -6.45 24.86
C ARG A 147 -5.47 -6.14 26.36
N ASP A 148 -5.27 -7.11 27.25
CA ASP A 148 -5.57 -7.00 28.70
C ASP A 148 -4.31 -6.52 29.43
N LYS A 149 -4.45 -5.52 30.32
CA LYS A 149 -3.34 -4.94 31.12
C LYS A 149 -2.69 -6.00 32.02
N GLU A 150 -3.49 -6.85 32.66
CA GLU A 150 -2.98 -7.92 33.58
C GLU A 150 -2.20 -8.97 32.75
N TRP A 151 -2.70 -9.33 31.56
CA TRP A 151 -1.98 -10.26 30.65
C TRP A 151 -0.63 -9.65 30.24
N GLU A 152 -0.57 -8.36 29.91
CA GLU A 152 0.68 -7.67 29.51
C GLU A 152 1.73 -7.86 30.62
N LYS A 153 1.34 -7.60 31.87
CA LYS A 153 2.23 -7.77 33.05
C LYS A 153 2.68 -9.25 33.12
N LYS A 154 1.76 -10.21 33.02
CA LYS A 154 2.08 -11.66 33.18
C LYS A 154 3.00 -12.14 32.05
N ILE A 155 2.74 -11.72 30.81
CA ILE A 155 3.62 -12.06 29.65
C ILE A 155 4.98 -11.41 29.84
N SER A 156 5.03 -10.13 30.24
CA SER A 156 6.33 -9.44 30.43
C SER A 156 7.17 -10.16 31.49
N GLU A 157 6.55 -10.59 32.60
CA GLU A 157 7.26 -11.28 33.71
C GLU A 157 7.84 -12.61 33.21
N ALA A 158 7.07 -13.38 32.44
CA ALA A 158 7.49 -14.72 31.92
C ALA A 158 8.66 -14.52 30.96
N ILE A 159 8.64 -13.46 30.15
CA ILE A 159 9.78 -13.17 29.25
C ILE A 159 11.01 -12.87 30.13
N GLN A 160 10.86 -11.97 31.10
CA GLN A 160 12.02 -11.44 31.88
C GLN A 160 12.64 -12.55 32.72
N MET A 161 11.84 -13.51 33.20
CA MET A 161 12.27 -14.68 34.00
C MET A 161 13.47 -15.38 33.36
N ARG A 162 13.44 -15.54 32.02
CA ARG A 162 14.48 -16.29 31.24
C ARG A 162 15.70 -15.37 30.98
N THR A 163 15.55 -14.05 31.09
CA THR A 163 16.62 -13.06 30.74
C THR A 163 17.70 -13.05 31.82
N GLY B 1 21.93 20.32 17.54
CA GLY B 1 20.94 21.30 16.99
C GLY B 1 21.05 21.44 15.49
N ALA B 2 20.01 21.99 14.85
CA ALA B 2 20.00 22.34 13.41
C ALA B 2 21.20 23.25 13.11
N MET B 3 21.85 23.08 11.95
CA MET B 3 23.05 23.88 11.61
C MET B 3 22.65 25.36 11.60
N ALA B 4 21.45 25.68 11.13
CA ALA B 4 20.90 27.05 11.09
C ALA B 4 19.45 26.98 11.57
N PRO B 5 19.21 26.96 12.91
CA PRO B 5 17.87 26.71 13.45
C PRO B 5 16.81 27.55 12.71
N SER B 6 15.77 26.89 12.19
CA SER B 6 14.69 27.52 11.40
C SER B 6 13.32 27.13 11.96
N TYR B 7 12.32 27.93 11.59
CA TYR B 7 10.88 27.58 11.57
C TYR B 7 10.39 27.37 10.12
N ARG B 8 9.55 26.35 9.90
CA ARG B 8 8.88 26.00 8.62
C ARG B 8 7.44 25.59 8.89
N VAL B 9 6.53 25.83 7.95
CA VAL B 9 5.12 25.38 8.02
C VAL B 9 4.84 24.40 6.86
N LYS B 10 4.28 23.23 7.19
CA LYS B 10 3.73 22.24 6.24
C LYS B 10 2.22 22.07 6.47
N ARG B 11 1.42 22.23 5.41
CA ARG B 11 -0.01 21.85 5.40
C ARG B 11 -0.10 20.38 5.00
N MET B 12 -0.12 19.50 6.00
CA MET B 12 -0.39 18.05 5.86
C MET B 12 -0.72 17.49 7.25
N ASP B 13 -1.04 16.20 7.30
CA ASP B 13 -1.25 15.39 8.52
C ASP B 13 0.09 15.24 9.24
N ILE B 14 0.17 15.76 10.47
CA ILE B 14 1.39 15.71 11.33
C ILE B 14 1.77 14.24 11.57
N ALA B 15 0.81 13.32 11.40
CA ALA B 15 1.03 11.85 11.43
C ALA B 15 2.11 11.43 10.41
N LYS B 16 2.25 12.15 9.31
CA LYS B 16 3.21 11.81 8.22
C LYS B 16 4.37 12.81 8.16
N ASN B 17 4.80 13.37 9.29
CA ASN B 17 5.89 14.38 9.28
C ASN B 17 7.25 13.67 9.10
N ASP B 18 8.28 14.41 8.64
CA ASP B 18 9.67 13.91 8.40
C ASP B 18 10.64 14.36 9.51
N GLU B 19 10.17 15.06 10.55
CA GLU B 19 11.03 15.59 11.65
C GLU B 19 11.32 14.46 12.63
N GLU B 20 12.22 14.65 13.59
CA GLU B 20 12.80 13.57 14.44
C GLU B 20 11.93 13.30 15.69
N CYS B 21 10.89 14.09 15.93
CA CYS B 21 9.92 13.83 17.02
C CYS B 21 8.66 14.66 16.75
N VAL B 22 7.55 14.32 17.42
CA VAL B 22 6.24 14.95 17.18
C VAL B 22 5.64 15.41 18.54
N VAL B 23 4.96 16.55 18.46
CA VAL B 23 4.12 17.06 19.57
C VAL B 23 2.64 16.72 19.25
N ASN B 24 2.05 15.93 20.12
CA ASN B 24 0.61 15.63 20.11
C ASN B 24 -0.15 16.75 20.85
N ALA B 25 -1.23 17.24 20.26
CA ALA B 25 -2.21 18.13 20.91
C ALA B 25 -3.09 17.21 21.78
N ALA B 26 -2.61 16.88 22.97
CA ALA B 26 -3.15 15.78 23.80
C ALA B 26 -4.33 16.25 24.65
N ASN B 27 -5.13 15.30 25.12
CA ASN B 27 -6.06 15.56 26.24
C ASN B 27 -5.41 15.07 27.53
N PRO B 28 -5.89 15.53 28.69
CA PRO B 28 -5.24 15.24 29.96
C PRO B 28 -5.29 13.77 30.39
N ARG B 29 -6.20 12.97 29.82
CA ARG B 29 -6.45 11.59 30.27
C ARG B 29 -5.73 10.59 29.37
N GLY B 30 -5.04 11.06 28.32
CA GLY B 30 -4.39 10.13 27.38
C GLY B 30 -5.38 9.32 26.57
N LEU B 31 -6.53 9.90 26.19
CA LEU B 31 -7.55 9.26 25.34
C LEU B 31 -7.24 9.59 23.89
N PRO B 32 -7.79 8.81 22.93
CA PRO B 32 -7.60 9.06 21.49
C PRO B 32 -8.06 10.40 20.91
N GLY B 33 -9.17 10.95 21.40
CA GLY B 33 -9.56 12.35 21.13
C GLY B 33 -9.92 12.64 19.68
N ASP B 34 -9.71 13.87 19.23
CA ASP B 34 -10.07 14.37 17.87
C ASP B 34 -8.85 15.01 17.19
N GLY B 35 -9.04 15.45 15.93
CA GLY B 35 -8.06 16.21 15.14
C GLY B 35 -6.71 15.56 15.21
N VAL B 36 -5.66 16.35 15.46
CA VAL B 36 -4.25 15.91 15.61
C VAL B 36 -4.16 14.66 16.48
N CYS B 37 -4.82 14.65 17.64
CA CYS B 37 -4.70 13.58 18.64
C CYS B 37 -5.15 12.23 18.04
N LYS B 38 -6.24 12.26 17.28
CA LYS B 38 -6.81 11.06 16.61
C LYS B 38 -5.78 10.57 15.59
N ALA B 39 -5.26 11.49 14.77
CA ALA B 39 -4.24 11.23 13.73
C ALA B 39 -3.00 10.62 14.38
N VAL B 40 -2.61 11.11 15.56
CA VAL B 40 -1.41 10.64 16.30
C VAL B 40 -1.68 9.29 16.92
N TYR B 41 -2.89 9.06 17.42
CA TYR B 41 -3.31 7.76 17.99
C TYR B 41 -3.30 6.67 16.89
N LYS B 42 -3.74 7.04 15.67
CA LYS B 42 -3.84 6.15 14.48
C LYS B 42 -2.43 5.74 14.04
N LYS B 43 -1.52 6.72 13.90
CA LYS B 43 -0.15 6.53 13.35
C LYS B 43 0.78 5.94 14.41
N TRP B 44 0.76 6.46 15.64
CA TRP B 44 1.68 6.01 16.72
C TRP B 44 0.91 5.57 17.95
N PRO B 45 0.02 4.55 17.84
CA PRO B 45 -0.77 4.10 19.00
C PRO B 45 0.03 3.79 20.27
N GLU B 46 1.22 3.23 20.12
CA GLU B 46 2.08 2.78 21.24
C GLU B 46 2.40 3.97 22.17
N SER B 47 2.39 5.20 21.66
CA SER B 47 2.75 6.43 22.43
C SER B 47 1.78 6.70 23.60
N PHE B 48 0.55 6.14 23.61
CA PHE B 48 -0.51 6.53 24.61
C PHE B 48 -0.47 5.73 25.91
N LYS B 49 0.45 4.77 26.04
CA LYS B 49 0.68 4.08 27.34
C LYS B 49 1.15 5.10 28.38
N ASN B 50 0.37 5.26 29.47
CA ASN B 50 0.61 6.21 30.59
C ASN B 50 1.01 7.57 30.03
N SER B 51 0.21 8.12 29.11
CA SER B 51 0.43 9.48 28.55
C SER B 51 -0.38 10.52 29.34
N ALA B 52 -1.34 10.13 30.20
CA ALA B 52 -2.15 11.07 31.00
C ALA B 52 -1.26 12.06 31.79
N THR B 53 -1.58 13.35 31.72
CA THR B 53 -0.78 14.45 32.35
C THR B 53 -1.69 15.68 32.45
N PRO B 54 -1.50 16.56 33.46
CA PRO B 54 -2.33 17.74 33.63
C PRO B 54 -2.23 18.79 32.52
N VAL B 55 -3.25 19.64 32.45
CA VAL B 55 -3.27 20.84 31.58
C VAL B 55 -2.04 21.69 31.90
N GLY B 56 -1.38 22.17 30.85
CA GLY B 56 -0.21 23.03 30.99
C GLY B 56 1.11 22.28 31.09
N THR B 57 1.10 20.96 30.88
CA THR B 57 2.31 20.08 30.94
C THR B 57 2.51 19.30 29.65
N ALA B 58 3.66 18.64 29.56
CA ALA B 58 4.02 17.77 28.44
C ALA B 58 4.63 16.52 29.06
N LYS B 59 4.25 15.36 28.50
CA LYS B 59 4.75 14.02 28.92
C LYS B 59 5.20 13.28 27.66
N THR B 60 6.47 12.86 27.62
CA THR B 60 7.06 12.17 26.44
C THR B 60 6.96 10.65 26.67
N VAL B 61 6.41 9.96 25.69
CA VAL B 61 6.40 8.48 25.63
C VAL B 61 7.08 8.06 24.32
N MET B 62 7.97 7.06 24.30
CA MET B 62 8.60 6.64 23.01
C MET B 62 7.65 5.75 22.18
N CYS B 63 7.70 5.87 20.85
CA CYS B 63 7.09 4.90 19.89
C CYS B 63 8.20 4.26 19.05
N GLY B 64 8.80 3.18 19.54
CA GLY B 64 10.06 2.64 19.02
C GLY B 64 11.20 3.60 19.28
N THR B 65 11.67 4.31 18.25
CA THR B 65 12.76 5.33 18.33
C THR B 65 12.24 6.74 18.05
N TYR B 66 10.91 6.91 17.98
CA TYR B 66 10.24 8.21 17.69
C TYR B 66 9.56 8.73 18.97
N PRO B 67 10.15 9.73 19.69
CA PRO B 67 9.50 10.36 20.84
C PRO B 67 8.23 11.11 20.47
N VAL B 68 7.17 10.82 21.23
CA VAL B 68 5.83 11.50 21.12
C VAL B 68 5.69 12.34 22.39
N ILE B 69 5.71 13.65 22.23
CA ILE B 69 5.61 14.64 23.34
C ILE B 69 4.12 15.00 23.48
N HIS B 70 3.44 14.47 24.47
CA HIS B 70 2.00 14.76 24.70
C HIS B 70 1.89 16.10 25.43
N ALA B 71 1.48 17.16 24.73
CA ALA B 71 1.35 18.52 25.29
C ALA B 71 -0.13 18.84 25.50
N VAL B 72 -0.52 19.16 26.74
CA VAL B 72 -1.96 19.37 27.09
C VAL B 72 -2.24 20.87 27.17
N GLY B 73 -2.74 21.44 26.09
CA GLY B 73 -3.33 22.79 26.07
C GLY B 73 -4.68 22.83 26.79
N PRO B 74 -5.04 24.03 27.29
CA PRO B 74 -6.31 24.21 27.99
C PRO B 74 -7.48 24.17 26.99
N ASN B 75 -8.60 23.67 27.48
CA ASN B 75 -9.90 23.78 26.75
C ASN B 75 -10.53 25.10 27.16
N PHE B 76 -10.56 26.06 26.25
CA PHE B 76 -11.13 27.41 26.45
C PHE B 76 -12.67 27.36 26.65
N SER B 77 -13.33 26.22 26.43
CA SER B 77 -14.74 26.05 26.89
C SER B 77 -14.79 26.04 28.42
N ASN B 78 -13.72 25.55 29.05
CA ASN B 78 -13.66 25.35 30.51
C ASN B 78 -12.89 26.47 31.23
N TYR B 79 -11.82 26.98 30.61
CA TYR B 79 -10.90 27.99 31.20
C TYR B 79 -11.35 29.40 30.81
N THR B 80 -11.13 30.37 31.69
CA THR B 80 -11.28 31.80 31.37
C THR B 80 -10.16 32.19 30.41
N GLU B 81 -10.34 33.28 29.68
CA GLU B 81 -9.29 33.80 28.76
C GLU B 81 -7.99 33.97 29.56
N SER B 82 -8.09 34.50 30.77
CA SER B 82 -6.91 34.80 31.61
C SER B 82 -6.23 33.47 32.01
N GLU B 83 -6.98 32.53 32.56
CA GLU B 83 -6.36 31.30 33.12
C GLU B 83 -5.90 30.41 31.94
N GLY B 84 -6.66 30.39 30.85
CA GLY B 84 -6.32 29.66 29.63
C GLY B 84 -5.03 30.19 29.05
N ASP B 85 -4.86 31.50 29.04
CA ASP B 85 -3.68 32.11 28.38
C ASP B 85 -2.40 31.63 29.10
N ARG B 86 -2.46 31.51 30.43
CA ARG B 86 -1.34 31.07 31.29
C ARG B 86 -1.03 29.59 31.01
N GLU B 87 -2.06 28.73 30.97
CA GLU B 87 -1.87 27.29 30.76
C GLU B 87 -1.35 27.03 29.34
N LEU B 88 -1.80 27.78 28.35
CA LEU B 88 -1.34 27.60 26.94
C LEU B 88 0.14 27.94 26.82
N ALA B 89 0.57 29.04 27.41
CA ALA B 89 2.00 29.42 27.51
C ALA B 89 2.80 28.31 28.22
N ALA B 90 2.25 27.76 29.30
CA ALA B 90 2.95 26.76 30.15
C ALA B 90 3.16 25.46 29.34
N ALA B 91 2.14 25.01 28.59
CA ALA B 91 2.25 23.77 27.79
C ALA B 91 3.42 23.92 26.82
N TYR B 92 3.51 25.07 26.15
CA TYR B 92 4.58 25.29 25.16
C TYR B 92 5.94 25.35 25.89
N ARG B 93 6.04 25.96 27.06
CA ARG B 93 7.32 25.97 27.81
C ARG B 93 7.79 24.55 28.12
N GLU B 94 6.87 23.64 28.47
N GLU B 94 6.86 23.64 28.45
CA GLU B 94 7.21 22.22 28.79
CA GLU B 94 7.20 22.24 28.79
C GLU B 94 7.65 21.50 27.51
C GLU B 94 7.62 21.49 27.52
N VAL B 95 7.02 21.81 26.37
CA VAL B 95 7.45 21.25 25.05
C VAL B 95 8.93 21.67 24.80
N ALA B 96 9.29 22.93 24.97
CA ALA B 96 10.67 23.42 24.77
C ALA B 96 11.66 22.67 25.65
N LYS B 97 11.32 22.46 26.93
CA LYS B 97 12.14 21.66 27.86
C LYS B 97 12.33 20.24 27.35
N GLU B 98 11.26 19.57 26.90
CA GLU B 98 11.34 18.17 26.43
C GLU B 98 12.19 18.07 25.15
N VAL B 99 11.96 18.95 24.18
CA VAL B 99 12.72 18.98 22.90
C VAL B 99 14.20 19.13 23.27
N THR B 100 14.50 19.98 24.23
CA THR B 100 15.92 20.22 24.64
C THR B 100 16.47 18.95 25.29
N ARG B 101 15.73 18.36 26.23
CA ARG B 101 16.16 17.13 26.94
C ARG B 101 16.42 15.99 25.93
N LEU B 102 15.59 15.84 24.92
CA LEU B 102 15.65 14.71 23.98
C LEU B 102 16.88 14.84 23.04
N GLY B 103 17.42 16.04 22.82
CA GLY B 103 18.61 16.25 21.95
C GLY B 103 18.29 16.13 20.48
N VAL B 104 17.02 16.30 20.08
CA VAL B 104 16.62 16.23 18.65
C VAL B 104 17.10 17.49 17.93
N ASN B 105 17.27 17.41 16.61
CA ASN B 105 17.58 18.54 15.72
C ASN B 105 16.32 18.97 14.98
N SER B 106 15.20 18.26 15.14
CA SER B 106 13.93 18.66 14.49
C SER B 106 12.73 18.16 15.31
N VAL B 107 11.63 18.89 15.15
CA VAL B 107 10.33 18.68 15.85
C VAL B 107 9.18 19.20 14.99
N ALA B 108 8.13 18.38 14.90
CA ALA B 108 6.84 18.67 14.25
C ALA B 108 5.89 19.05 15.37
N ILE B 109 5.24 20.20 15.27
N ILE B 109 5.28 20.24 15.27
CA ILE B 109 4.40 20.78 16.36
CA ILE B 109 4.41 20.85 16.33
C ILE B 109 3.12 21.37 15.75
C ILE B 109 3.11 21.33 15.69
N PRO B 110 1.93 21.01 16.29
CA PRO B 110 0.68 21.62 15.89
C PRO B 110 0.40 22.86 16.74
N LEU B 111 -0.57 23.69 16.35
CA LEU B 111 -0.96 24.85 17.19
C LEU B 111 -1.95 24.37 18.27
N LEU B 112 -1.48 24.33 19.50
CA LEU B 112 -2.24 23.88 20.68
C LEU B 112 -3.43 24.82 20.89
N SER B 113 -4.54 24.21 21.29
CA SER B 113 -5.81 24.88 21.69
C SER B 113 -6.47 25.63 20.50
N THR B 114 -6.21 25.24 19.25
CA THR B 114 -6.79 25.93 18.06
C THR B 114 -7.97 25.13 17.45
N GLY B 115 -8.23 23.91 17.88
CA GLY B 115 -9.30 23.06 17.29
C GLY B 115 -10.47 22.98 18.24
N VAL B 116 -10.88 21.79 18.65
CA VAL B 116 -12.04 21.62 19.57
C VAL B 116 -11.74 22.19 20.96
N TYR B 117 -10.50 22.57 21.31
CA TYR B 117 -10.21 23.29 22.60
C TYR B 117 -10.25 24.84 22.44
N SER B 118 -10.57 25.39 21.27
CA SER B 118 -10.52 26.85 20.99
C SER B 118 -11.69 27.61 21.65
N GLY B 119 -12.75 26.90 22.08
CA GLY B 119 -13.96 27.54 22.61
C GLY B 119 -14.65 28.33 21.51
N GLY B 120 -14.50 27.93 20.25
CA GLY B 120 -15.15 28.58 19.10
C GLY B 120 -14.47 29.89 18.67
N LYS B 121 -13.25 30.19 19.14
CA LYS B 121 -12.49 31.42 18.77
C LYS B 121 -11.33 31.07 17.85
N ASP B 122 -10.98 31.98 16.95
CA ASP B 122 -9.75 31.95 16.11
C ASP B 122 -8.54 32.24 17.01
N ARG B 123 -7.67 31.26 17.22
CA ARG B 123 -6.54 31.40 18.20
C ARG B 123 -5.20 31.22 17.49
N LEU B 124 -5.13 31.41 16.19
CA LEU B 124 -3.88 31.14 15.42
C LEU B 124 -2.79 32.07 15.98
N THR B 125 -3.07 33.36 16.09
CA THR B 125 -2.07 34.37 16.55
C THR B 125 -1.64 34.10 18.00
N GLN B 126 -2.63 33.91 18.89
CA GLN B 126 -2.39 33.57 20.30
C GLN B 126 -1.46 32.34 20.40
N SER B 127 -1.82 31.23 19.76
CA SER B 127 -1.14 29.93 19.94
C SER B 127 0.25 30.01 19.32
N LEU B 128 0.34 30.64 18.15
CA LEU B 128 1.63 30.81 17.44
C LEU B 128 2.56 31.68 18.29
N ASN B 129 2.05 32.74 18.91
CA ASN B 129 2.86 33.66 19.77
C ASN B 129 3.49 32.86 20.93
N HIS B 130 2.70 32.00 21.59
CA HIS B 130 3.18 31.20 22.74
C HIS B 130 4.18 30.15 22.25
N LEU B 131 4.00 29.63 21.05
CA LEU B 131 4.91 28.64 20.44
C LEU B 131 6.28 29.30 20.26
N PHE B 132 6.31 30.45 19.61
CA PHE B 132 7.56 31.25 19.41
C PHE B 132 8.20 31.58 20.76
N THR B 133 7.45 32.13 21.74
CA THR B 133 8.01 32.52 23.07
C THR B 133 8.80 31.34 23.65
N ALA B 134 8.26 30.11 23.56
CA ALA B 134 8.87 28.91 24.14
C ALA B 134 10.02 28.41 23.26
N MET B 135 9.82 28.32 21.95
CA MET B 135 10.75 27.56 21.07
C MET B 135 11.90 28.48 20.58
N ASP B 136 11.79 29.81 20.72
CA ASP B 136 12.80 30.74 20.13
C ASP B 136 14.20 30.43 20.71
N SER B 137 14.30 29.99 21.97
CA SER B 137 15.62 29.76 22.63
C SER B 137 16.17 28.36 22.36
N THR B 138 15.42 27.48 21.67
CA THR B 138 15.85 26.10 21.34
C THR B 138 16.55 26.17 19.99
N ASP B 139 17.39 25.17 19.65
CA ASP B 139 18.13 25.16 18.37
C ASP B 139 17.61 24.07 17.45
N ALA B 140 16.45 23.45 17.74
CA ALA B 140 15.86 22.42 16.85
C ALA B 140 15.21 23.11 15.64
N ASP B 141 15.23 22.45 14.46
CA ASP B 141 14.37 22.88 13.35
C ASP B 141 12.94 22.55 13.79
N VAL B 142 12.10 23.56 13.81
CA VAL B 142 10.66 23.45 14.18
C VAL B 142 9.84 23.48 12.90
N VAL B 143 9.03 22.45 12.68
CA VAL B 143 8.09 22.45 11.54
C VAL B 143 6.68 22.42 12.12
N ILE B 144 5.96 23.48 11.83
CA ILE B 144 4.59 23.69 12.32
C ILE B 144 3.63 23.06 11.32
N TYR B 145 2.67 22.26 11.78
CA TYR B 145 1.68 21.61 10.90
C TYR B 145 0.32 22.25 11.10
N CYS B 146 -0.38 22.50 9.99
CA CYS B 146 -1.79 22.95 9.93
C CYS B 146 -2.55 22.18 8.84
N ARG B 147 -3.84 22.43 8.69
CA ARG B 147 -4.67 21.77 7.65
C ARG B 147 -5.29 22.80 6.71
N ASP B 148 -5.72 23.95 7.24
CA ASP B 148 -6.35 25.05 6.46
C ASP B 148 -5.28 25.77 5.63
N LYS B 149 -5.53 25.94 4.33
CA LYS B 149 -4.59 26.58 3.37
C LYS B 149 -4.39 28.05 3.75
N GLU B 150 -5.44 28.72 4.23
CA GLU B 150 -5.35 30.13 4.70
C GLU B 150 -4.40 30.19 5.91
N TRP B 151 -4.59 29.28 6.88
CA TRP B 151 -3.75 29.23 8.11
C TRP B 151 -2.29 29.03 7.71
N GLU B 152 -1.99 28.13 6.76
CA GLU B 152 -0.62 27.90 6.25
C GLU B 152 -0.03 29.26 5.82
N LYS B 153 -0.83 30.05 5.09
CA LYS B 153 -0.43 31.39 4.56
C LYS B 153 -0.07 32.32 5.72
N LYS B 154 -0.96 32.44 6.71
CA LYS B 154 -0.84 33.40 7.84
C LYS B 154 0.35 33.00 8.74
N ILE B 155 0.54 31.70 8.97
CA ILE B 155 1.70 31.15 9.74
C ILE B 155 2.99 31.42 8.97
N SER B 156 3.03 31.07 7.68
CA SER B 156 4.21 31.29 6.80
C SER B 156 4.61 32.76 6.85
N GLU B 157 3.62 33.66 6.85
CA GLU B 157 3.82 35.15 6.81
C GLU B 157 4.40 35.62 8.15
N ALA B 158 3.94 35.03 9.26
CA ALA B 158 4.41 35.38 10.62
C ALA B 158 5.86 34.92 10.78
N ILE B 159 6.22 33.79 10.16
CA ILE B 159 7.58 33.19 10.20
C ILE B 159 8.53 34.07 9.37
N GLN B 160 8.00 34.84 8.41
CA GLN B 160 8.81 35.61 7.42
C GLN B 160 8.99 37.06 7.90
N MET B 161 8.02 37.58 8.64
CA MET B 161 7.99 38.98 9.12
C MET B 161 9.10 39.20 10.17
N ARG B 162 9.73 38.12 10.65
CA ARG B 162 10.75 38.19 11.74
C ARG B 162 12.16 37.89 11.22
N THR B 163 12.30 37.43 9.97
CA THR B 163 13.58 37.04 9.34
C THR B 163 14.11 38.15 8.42
N GLY C 1 0.51 3.96 -27.78
CA GLY C 1 1.22 2.80 -27.15
C GLY C 1 2.42 2.36 -27.96
N ALA C 2 3.45 1.81 -27.31
CA ALA C 2 4.61 1.18 -27.99
C ALA C 2 4.10 -0.04 -28.74
N MET C 3 4.65 -0.32 -29.92
CA MET C 3 4.19 -1.45 -30.78
C MET C 3 4.43 -2.80 -30.06
N ALA C 4 5.47 -2.89 -29.23
CA ALA C 4 5.80 -4.13 -28.47
C ALA C 4 6.25 -3.72 -27.07
N PRO C 5 5.31 -3.35 -26.18
CA PRO C 5 5.68 -2.78 -24.89
C PRO C 5 6.77 -3.61 -24.19
N SER C 6 7.83 -2.96 -23.71
CA SER C 6 8.99 -3.61 -23.06
C SER C 6 9.34 -2.95 -21.72
N TYR C 7 10.21 -3.64 -20.98
CA TYR C 7 10.96 -3.13 -19.82
C TYR C 7 12.45 -3.14 -20.14
N ARG C 8 13.18 -2.06 -19.85
CA ARG C 8 14.66 -2.03 -19.93
C ARG C 8 15.20 -1.43 -18.65
N VAL C 9 16.46 -1.68 -18.32
CA VAL C 9 17.18 -0.98 -17.22
C VAL C 9 18.43 -0.32 -17.79
N LYS C 10 18.71 0.88 -17.29
CA LYS C 10 19.89 1.71 -17.67
C LYS C 10 20.54 2.20 -16.38
N ARG C 11 21.86 2.06 -16.30
CA ARG C 11 22.71 2.64 -15.22
C ARG C 11 23.20 4.00 -15.71
N MET C 12 22.48 5.09 -15.39
CA MET C 12 22.63 6.39 -16.07
C MET C 12 21.80 7.45 -15.34
N ASP C 13 22.18 8.72 -15.47
CA ASP C 13 21.48 9.87 -14.87
C ASP C 13 20.08 9.93 -15.49
N ILE C 14 19.04 9.82 -14.66
CA ILE C 14 17.63 9.83 -15.15
C ILE C 14 17.34 11.23 -15.72
N ALA C 15 18.13 12.24 -15.33
CA ALA C 15 17.98 13.62 -15.84
C ALA C 15 18.44 13.74 -17.30
N LYS C 16 19.11 12.71 -17.82
N LYS C 16 19.13 12.74 -17.84
CA LYS C 16 19.60 12.59 -19.22
CA LYS C 16 19.54 12.67 -19.27
C LYS C 16 18.82 11.49 -19.97
C LYS C 16 18.82 11.51 -19.97
N ASN C 17 17.62 11.15 -19.50
CA ASN C 17 16.86 10.03 -20.12
C ASN C 17 16.45 10.35 -21.56
N ASP C 18 16.14 9.28 -22.29
CA ASP C 18 15.72 9.30 -23.72
C ASP C 18 14.24 8.94 -23.88
N GLU C 19 13.39 9.15 -22.87
CA GLU C 19 11.96 8.77 -22.93
C GLU C 19 11.09 10.03 -22.99
N GLU C 20 9.79 9.81 -23.24
CA GLU C 20 8.81 10.91 -23.50
C GLU C 20 8.37 11.61 -22.20
N CYS C 21 8.68 11.04 -21.04
CA CYS C 21 8.37 11.62 -19.71
C CYS C 21 9.24 10.95 -18.64
N VAL C 22 9.28 11.58 -17.47
CA VAL C 22 10.15 11.12 -16.36
C VAL C 22 9.32 11.03 -15.06
N VAL C 23 9.62 10.03 -14.26
CA VAL C 23 9.06 9.90 -12.89
C VAL C 23 10.11 10.42 -11.93
N ASN C 24 9.75 11.46 -11.18
CA ASN C 24 10.55 12.00 -10.06
C ASN C 24 10.23 11.20 -8.77
N ALA C 25 11.24 10.82 -8.02
CA ALA C 25 11.07 10.25 -6.66
C ALA C 25 10.92 11.45 -5.72
N ALA C 26 9.71 11.98 -5.64
CA ALA C 26 9.37 13.29 -5.06
C ALA C 26 9.16 13.15 -3.54
N ASN C 27 9.06 14.29 -2.86
CA ASN C 27 8.74 14.41 -1.40
C ASN C 27 7.39 15.08 -1.35
N PRO C 28 6.59 14.90 -0.27
CA PRO C 28 5.23 15.43 -0.23
C PRO C 28 5.16 16.97 -0.28
N ARG C 29 6.25 17.67 0.02
CA ARG C 29 6.26 19.17 0.04
C ARG C 29 6.59 19.76 -1.33
N GLY C 30 7.21 19.01 -2.25
CA GLY C 30 7.50 19.51 -3.61
C GLY C 30 8.81 20.26 -3.64
N LEU C 31 9.73 19.87 -2.75
CA LEU C 31 11.04 20.50 -2.51
C LEU C 31 12.11 19.83 -3.36
N PRO C 32 13.13 20.58 -3.77
CA PRO C 32 14.29 20.01 -4.46
C PRO C 32 14.77 18.65 -3.93
N GLY C 33 14.74 18.42 -2.62
CA GLY C 33 15.15 17.13 -2.01
C GLY C 33 16.60 16.78 -2.33
N ASP C 34 16.94 15.49 -2.29
CA ASP C 34 18.29 14.94 -2.65
C ASP C 34 18.11 13.74 -3.59
N GLY C 35 19.21 13.11 -3.95
CA GLY C 35 19.23 11.97 -4.90
C GLY C 35 18.61 12.35 -6.23
N VAL C 36 17.78 11.47 -6.79
CA VAL C 36 17.15 11.64 -8.13
C VAL C 36 16.34 12.94 -8.13
N CYS C 37 15.62 13.25 -7.03
CA CYS C 37 14.76 14.45 -6.90
C CYS C 37 15.57 15.75 -7.13
N LYS C 38 16.86 15.77 -6.76
CA LYS C 38 17.75 16.96 -6.87
C LYS C 38 18.20 17.12 -8.34
N ALA C 39 18.70 16.05 -8.97
CA ALA C 39 19.02 15.97 -10.42
C ALA C 39 17.80 16.36 -11.27
N VAL C 40 16.59 15.99 -10.84
CA VAL C 40 15.32 16.30 -11.55
C VAL C 40 15.04 17.80 -11.37
N TYR C 41 15.24 18.33 -10.15
CA TYR C 41 15.01 19.78 -9.86
C TYR C 41 15.99 20.63 -10.69
N LYS C 42 17.23 20.17 -10.90
CA LYS C 42 18.26 20.91 -11.67
C LYS C 42 17.90 20.88 -13.18
N LYS C 43 17.34 19.77 -13.69
CA LYS C 43 16.97 19.66 -15.13
C LYS C 43 15.61 20.32 -15.43
N TRP C 44 14.58 20.15 -14.58
CA TRP C 44 13.18 20.60 -14.85
C TRP C 44 12.60 21.40 -13.67
N PRO C 45 13.26 22.51 -13.25
CA PRO C 45 12.79 23.28 -12.09
C PRO C 45 11.35 23.77 -12.23
N GLU C 46 10.99 24.16 -13.46
CA GLU C 46 9.64 24.67 -13.79
C GLU C 46 8.59 23.64 -13.36
N SER C 47 8.91 22.34 -13.42
CA SER C 47 7.97 21.23 -13.04
C SER C 47 7.65 21.24 -11.53
N PHE C 48 8.38 22.01 -10.70
CA PHE C 48 8.17 22.02 -9.21
C PHE C 48 7.13 23.06 -8.75
N LYS C 49 6.48 23.74 -9.71
CA LYS C 49 5.35 24.67 -9.48
C LYS C 49 4.12 23.89 -9.02
N ASN C 50 3.74 24.00 -7.74
CA ASN C 50 2.55 23.31 -7.16
C ASN C 50 2.63 21.79 -7.35
N SER C 51 3.82 21.23 -7.23
CA SER C 51 4.07 19.77 -7.40
C SER C 51 3.71 19.03 -6.11
N ALA C 52 3.76 19.73 -4.95
CA ALA C 52 3.48 19.12 -3.63
C ALA C 52 2.34 18.14 -3.84
N THR C 53 2.45 16.91 -3.31
CA THR C 53 1.40 15.86 -3.36
C THR C 53 1.71 14.81 -2.27
N PRO C 54 0.67 14.17 -1.69
CA PRO C 54 0.83 13.30 -0.53
C PRO C 54 1.52 11.95 -0.81
N VAL C 55 2.21 11.39 0.20
CA VAL C 55 2.74 9.99 0.18
C VAL C 55 1.66 9.10 -0.47
N GLY C 56 2.05 8.23 -1.40
CA GLY C 56 1.10 7.29 -2.05
C GLY C 56 0.38 7.84 -3.27
N THR C 57 0.72 9.06 -3.70
CA THR C 57 0.09 9.71 -4.87
C THR C 57 1.17 10.09 -5.89
N ALA C 58 0.69 10.49 -7.07
CA ALA C 58 1.56 11.08 -8.12
C ALA C 58 0.85 12.29 -8.73
N LYS C 59 1.65 13.30 -9.05
CA LYS C 59 1.14 14.56 -9.65
C LYS C 59 2.02 14.94 -10.83
N THR C 60 1.45 15.13 -12.01
CA THR C 60 2.22 15.53 -13.22
C THR C 60 2.27 17.06 -13.33
N VAL C 61 3.48 17.60 -13.45
CA VAL C 61 3.66 19.01 -13.88
C VAL C 61 4.56 19.07 -15.12
N MET C 62 4.15 19.86 -16.10
CA MET C 62 4.90 20.07 -17.37
C MET C 62 6.07 21.02 -17.14
N CYS C 63 7.23 20.71 -17.71
CA CYS C 63 8.37 21.62 -17.92
C CYS C 63 8.42 21.89 -19.43
N GLY C 64 7.84 23.02 -19.86
CA GLY C 64 7.51 23.22 -21.29
C GLY C 64 6.39 22.29 -21.71
N THR C 65 6.66 21.30 -22.58
CA THR C 65 5.71 20.22 -22.91
C THR C 65 6.18 18.85 -22.38
N TYR C 66 7.32 18.80 -21.65
CA TYR C 66 7.92 17.55 -21.15
C TYR C 66 7.29 17.20 -19.78
N PRO C 67 6.46 16.12 -19.66
CA PRO C 67 5.78 15.83 -18.39
C PRO C 67 6.75 15.27 -17.34
N VAL C 68 6.66 15.81 -16.12
CA VAL C 68 7.38 15.29 -14.93
C VAL C 68 6.31 14.76 -13.96
N ILE C 69 6.35 13.46 -13.70
CA ILE C 69 5.39 12.73 -12.83
C ILE C 69 6.01 12.64 -11.45
N HIS C 70 5.60 13.51 -10.52
CA HIS C 70 6.14 13.53 -9.14
C HIS C 70 5.44 12.43 -8.34
N ALA C 71 6.14 11.35 -8.07
CA ALA C 71 5.57 10.15 -7.41
C ALA C 71 6.13 10.11 -5.98
N VAL C 72 5.23 10.11 -4.99
CA VAL C 72 5.69 10.16 -3.58
C VAL C 72 5.56 8.78 -2.95
N GLY C 73 6.67 8.05 -2.86
CA GLY C 73 6.72 6.80 -2.09
C GLY C 73 6.80 7.09 -0.58
N PRO C 74 6.51 6.08 0.26
CA PRO C 74 6.70 6.25 1.70
C PRO C 74 8.18 6.28 2.07
N ASN C 75 8.51 7.03 3.11
CA ASN C 75 9.82 6.95 3.80
C ASN C 75 9.70 5.89 4.90
N PHE C 76 10.40 4.77 4.74
CA PHE C 76 10.26 3.62 5.66
C PHE C 76 10.96 3.92 6.99
N SER C 77 11.66 5.07 7.14
CA SER C 77 12.09 5.56 8.47
C SER C 77 10.88 5.83 9.35
N ASN C 78 9.76 6.22 8.74
CA ASN C 78 8.58 6.85 9.39
C ASN C 78 7.32 6.00 9.18
N TYR C 79 7.42 4.89 8.48
CA TYR C 79 6.28 3.99 8.18
C TYR C 79 6.63 2.60 8.67
N THR C 80 5.65 1.87 9.18
CA THR C 80 5.80 0.43 9.47
C THR C 80 5.99 -0.32 8.15
N GLU C 81 6.47 -1.55 8.20
CA GLU C 81 6.56 -2.41 6.99
C GLU C 81 5.17 -2.57 6.40
N SER C 82 4.14 -2.75 7.23
CA SER C 82 2.78 -3.03 6.75
C SER C 82 2.24 -1.79 6.02
N GLU C 83 2.28 -0.63 6.67
CA GLU C 83 1.63 0.61 6.16
C GLU C 83 2.43 1.07 4.94
N GLY C 84 3.74 0.94 4.99
CA GLY C 84 4.61 1.42 3.91
C GLY C 84 4.44 0.57 2.67
N ASP C 85 4.24 -0.75 2.83
CA ASP C 85 4.02 -1.65 1.69
C ASP C 85 2.81 -1.18 0.88
N ARG C 86 1.71 -0.81 1.57
CA ARG C 86 0.50 -0.23 0.93
C ARG C 86 0.86 1.07 0.20
N GLU C 87 1.45 2.04 0.90
CA GLU C 87 1.78 3.37 0.32
C GLU C 87 2.60 3.17 -0.97
N LEU C 88 3.55 2.23 -0.96
CA LEU C 88 4.51 2.03 -2.08
C LEU C 88 3.72 1.48 -3.28
N ALA C 89 2.85 0.50 -3.04
CA ALA C 89 1.99 -0.06 -4.10
C ALA C 89 1.15 1.04 -4.74
N ALA C 90 0.54 1.90 -3.92
CA ALA C 90 -0.40 2.96 -4.34
C ALA C 90 0.37 4.01 -5.17
N ALA C 91 1.57 4.41 -4.76
CA ALA C 91 2.40 5.41 -5.50
C ALA C 91 2.60 4.88 -6.92
N TYR C 92 2.98 3.61 -7.08
CA TYR C 92 3.16 3.03 -8.42
C TYR C 92 1.85 2.98 -9.23
N ARG C 93 0.73 2.62 -8.61
N ARG C 93 0.73 2.63 -8.60
CA ARG C 93 -0.60 2.60 -9.28
CA ARG C 93 -0.60 2.60 -9.28
C ARG C 93 -0.93 4.00 -9.83
C ARG C 93 -0.93 4.00 -9.83
N GLU C 94 -0.62 5.04 -9.06
CA GLU C 94 -0.85 6.44 -9.50
C GLU C 94 0.11 6.77 -10.66
N VAL C 95 1.33 6.23 -10.69
CA VAL C 95 2.29 6.47 -11.82
C VAL C 95 1.68 5.85 -13.09
N ALA C 96 1.10 4.64 -12.99
CA ALA C 96 0.48 3.93 -14.14
C ALA C 96 -0.69 4.74 -14.68
N LYS C 97 -1.49 5.32 -13.78
CA LYS C 97 -2.63 6.17 -14.18
C LYS C 97 -2.11 7.41 -14.95
N GLU C 98 -1.07 8.07 -14.44
CA GLU C 98 -0.54 9.35 -15.01
C GLU C 98 0.08 9.07 -16.39
N VAL C 99 0.90 8.03 -16.51
CA VAL C 99 1.47 7.59 -17.81
C VAL C 99 0.34 7.33 -18.80
N THR C 100 -0.75 6.63 -18.39
CA THR C 100 -1.89 6.32 -19.27
C THR C 100 -2.56 7.63 -19.73
N ARG C 101 -2.85 8.51 -18.80
CA ARG C 101 -3.58 9.77 -19.07
C ARG C 101 -2.77 10.60 -20.08
N LEU C 102 -1.44 10.61 -19.96
CA LEU C 102 -0.57 11.45 -20.81
C LEU C 102 -0.48 10.90 -22.23
N GLY C 103 -0.76 9.61 -22.46
CA GLY C 103 -0.71 9.01 -23.81
C GLY C 103 0.72 8.81 -24.32
N VAL C 104 1.72 8.94 -23.45
CA VAL C 104 3.16 8.74 -23.83
C VAL C 104 3.42 7.28 -24.30
N ASN C 105 4.44 7.06 -25.14
CA ASN C 105 4.85 5.71 -25.58
C ASN C 105 6.05 5.23 -24.75
N SER C 106 6.59 6.06 -23.87
CA SER C 106 7.76 5.68 -23.05
C SER C 106 7.80 6.53 -21.80
N VAL C 107 8.48 6.03 -20.79
CA VAL C 107 8.62 6.63 -19.42
C VAL C 107 9.92 6.11 -18.80
N ALA C 108 10.64 7.04 -18.17
CA ALA C 108 11.85 6.85 -17.38
C ALA C 108 11.40 6.83 -15.92
N ILE C 109 11.71 5.75 -15.20
N ILE C 109 11.78 5.80 -15.17
CA ILE C 109 11.25 5.50 -13.80
CA ILE C 109 11.26 5.59 -13.80
C ILE C 109 12.44 5.12 -12.93
C ILE C 109 12.38 5.08 -12.90
N PRO C 110 12.56 5.68 -11.70
CA PRO C 110 13.49 5.17 -10.70
C PRO C 110 12.73 4.22 -9.76
N LEU C 111 13.44 3.44 -8.97
CA LEU C 111 12.77 2.55 -7.97
C LEU C 111 12.43 3.39 -6.74
N LEU C 112 11.14 3.55 -6.47
CA LEU C 112 10.64 4.36 -5.35
C LEU C 112 11.01 3.70 -4.02
N SER C 113 11.28 4.53 -3.01
CA SER C 113 11.53 4.13 -1.61
C SER C 113 12.79 3.27 -1.49
N THR C 114 13.82 3.40 -2.35
CA THR C 114 15.03 2.55 -2.24
C THR C 114 16.32 3.30 -1.84
N GLY C 115 16.28 4.62 -1.68
CA GLY C 115 17.49 5.37 -1.30
C GLY C 115 17.36 5.85 0.12
N VAL C 116 17.23 7.16 0.32
CA VAL C 116 17.10 7.76 1.67
C VAL C 116 15.73 7.39 2.26
N TYR C 117 14.71 7.06 1.45
CA TYR C 117 13.36 6.64 1.93
C TYR C 117 13.31 5.14 2.26
N SER C 118 14.44 4.44 2.19
CA SER C 118 14.52 2.96 2.37
C SER C 118 14.50 2.51 3.84
N GLY C 119 14.71 3.42 4.79
CA GLY C 119 14.88 3.10 6.21
C GLY C 119 16.04 2.16 6.43
N GLY C 120 17.07 2.23 5.58
CA GLY C 120 18.31 1.44 5.68
C GLY C 120 18.19 -0.02 5.26
N LYS C 121 17.11 -0.44 4.58
CA LYS C 121 16.87 -1.85 4.17
C LYS C 121 17.06 -1.98 2.64
N ASP C 122 17.47 -3.14 2.14
CA ASP C 122 17.54 -3.38 0.67
C ASP C 122 16.10 -3.57 0.17
N ARG C 123 15.57 -2.64 -0.62
CA ARG C 123 14.16 -2.75 -1.12
C ARG C 123 14.10 -2.96 -2.64
N LEU C 124 15.14 -3.48 -3.29
CA LEU C 124 15.12 -3.66 -4.77
C LEU C 124 13.94 -4.55 -5.19
N THR C 125 13.83 -5.76 -4.63
CA THR C 125 12.79 -6.75 -4.99
C THR C 125 11.41 -6.19 -4.67
N GLN C 126 11.24 -5.61 -3.49
CA GLN C 126 9.93 -5.03 -3.08
C GLN C 126 9.50 -3.93 -4.06
N SER C 127 10.38 -2.96 -4.30
CA SER C 127 10.06 -1.77 -5.14
C SER C 127 9.78 -2.24 -6.58
N LEU C 128 10.63 -3.12 -7.10
CA LEU C 128 10.50 -3.61 -8.49
C LEU C 128 9.21 -4.43 -8.65
N ASN C 129 8.84 -5.22 -7.65
CA ASN C 129 7.58 -6.00 -7.70
C ASN C 129 6.40 -5.02 -7.78
N HIS C 130 6.37 -3.97 -6.96
CA HIS C 130 5.25 -3.01 -7.03
C HIS C 130 5.24 -2.30 -8.40
N LEU C 131 6.41 -2.00 -8.96
CA LEU C 131 6.54 -1.33 -10.27
C LEU C 131 5.85 -2.22 -11.31
N PHE C 132 6.23 -3.49 -11.39
CA PHE C 132 5.65 -4.45 -12.38
C PHE C 132 4.15 -4.60 -12.14
N THR C 133 3.69 -4.76 -10.89
CA THR C 133 2.24 -4.92 -10.59
C THR C 133 1.43 -3.75 -11.20
N ALA C 134 1.94 -2.53 -11.13
CA ALA C 134 1.26 -1.31 -11.64
C ALA C 134 1.47 -1.17 -13.14
N MET C 135 2.69 -1.40 -13.66
CA MET C 135 3.01 -1.04 -15.06
C MET C 135 2.73 -2.18 -16.06
N ASP C 136 2.48 -3.41 -15.60
CA ASP C 136 2.30 -4.54 -16.55
C ASP C 136 1.08 -4.29 -17.45
N SER C 137 0.01 -3.63 -16.96
CA SER C 137 -1.24 -3.41 -17.74
C SER C 137 -1.13 -2.16 -18.64
N THR C 138 -0.03 -1.42 -18.59
CA THR C 138 0.26 -0.28 -19.51
C THR C 138 0.99 -0.71 -20.76
N ASP C 139 0.88 0.09 -21.84
CA ASP C 139 1.54 -0.20 -23.15
C ASP C 139 2.69 0.76 -23.43
N ALA C 140 3.19 1.49 -22.43
CA ALA C 140 4.39 2.34 -22.56
C ALA C 140 5.65 1.49 -22.48
N ASP C 141 6.68 1.84 -23.24
CA ASP C 141 8.03 1.31 -22.99
C ASP C 141 8.47 1.89 -21.65
N VAL C 142 8.91 1.04 -20.73
CA VAL C 142 9.34 1.47 -19.38
C VAL C 142 10.85 1.27 -19.31
N VAL C 143 11.56 2.32 -18.95
CA VAL C 143 13.04 2.31 -18.78
C VAL C 143 13.34 2.65 -17.34
N ILE C 144 13.88 1.69 -16.62
CA ILE C 144 14.22 1.82 -15.18
C ILE C 144 15.62 2.37 -15.04
N TYR C 145 15.81 3.44 -14.28
CA TYR C 145 17.15 4.07 -14.13
C TYR C 145 17.71 3.72 -12.77
N CYS C 146 18.97 3.29 -12.74
CA CYS C 146 19.66 2.98 -11.47
C CYS C 146 21.07 3.57 -11.51
N ARG C 147 21.76 3.47 -10.37
CA ARG C 147 23.07 4.10 -10.10
C ARG C 147 24.11 3.04 -9.71
N ASP C 148 23.69 1.93 -9.11
CA ASP C 148 24.58 0.83 -8.61
C ASP C 148 24.72 -0.29 -9.64
N LYS C 149 25.93 -0.79 -9.88
CA LYS C 149 26.19 -1.88 -10.87
C LYS C 149 25.59 -3.22 -10.43
N GLU C 150 25.59 -3.55 -9.14
CA GLU C 150 24.93 -4.81 -8.66
C GLU C 150 23.41 -4.71 -8.90
N TRP C 151 22.81 -3.52 -8.69
CA TRP C 151 21.33 -3.33 -8.86
C TRP C 151 20.99 -3.44 -10.35
N GLU C 152 21.79 -2.84 -11.22
CA GLU C 152 21.58 -2.98 -12.69
C GLU C 152 21.45 -4.46 -13.04
N LYS C 153 22.32 -5.32 -12.53
CA LYS C 153 22.36 -6.76 -12.89
C LYS C 153 21.12 -7.48 -12.33
N LYS C 154 20.76 -7.23 -11.07
CA LYS C 154 19.55 -7.84 -10.43
C LYS C 154 18.27 -7.40 -11.16
N ILE C 155 18.11 -6.11 -11.46
CA ILE C 155 16.91 -5.62 -12.20
C ILE C 155 16.92 -6.29 -13.57
N SER C 156 18.06 -6.32 -14.26
CA SER C 156 18.13 -6.92 -15.61
C SER C 156 17.67 -8.38 -15.57
N GLU C 157 18.17 -9.15 -14.62
CA GLU C 157 17.83 -10.58 -14.41
C GLU C 157 16.32 -10.72 -14.19
N ALA C 158 15.75 -9.87 -13.34
CA ALA C 158 14.30 -9.88 -13.00
C ALA C 158 13.44 -9.63 -14.24
N ILE C 159 13.85 -8.74 -15.14
CA ILE C 159 13.13 -8.43 -16.41
C ILE C 159 13.20 -9.64 -17.34
N GLN C 160 14.40 -10.19 -17.56
CA GLN C 160 14.62 -11.25 -18.56
C GLN C 160 13.90 -12.53 -18.12
N MET C 161 13.79 -12.75 -16.80
CA MET C 161 13.17 -13.95 -16.18
C MET C 161 11.73 -14.13 -16.68
N ARG C 162 11.00 -13.03 -16.89
CA ARG C 162 9.57 -13.03 -17.28
C ARG C 162 9.42 -13.12 -18.81
N THR C 163 10.48 -12.79 -19.56
CA THR C 163 10.46 -12.80 -21.06
C THR C 163 10.92 -14.18 -21.54
N PRO D 5 -23.62 -12.83 -38.35
CA PRO D 5 -23.15 -13.75 -37.30
C PRO D 5 -24.24 -14.24 -36.36
N SER D 6 -24.03 -15.42 -35.77
N SER D 6 -24.03 -15.40 -35.74
CA SER D 6 -24.88 -16.05 -34.70
CA SER D 6 -24.92 -16.02 -34.70
C SER D 6 -24.16 -15.88 -33.37
C SER D 6 -24.18 -16.05 -33.36
N TYR D 7 -24.90 -15.88 -32.26
CA TYR D 7 -24.32 -15.69 -30.91
C TYR D 7 -24.87 -16.72 -29.94
N ARG D 8 -23.95 -17.33 -29.17
CA ARG D 8 -24.28 -18.30 -28.11
C ARG D 8 -23.39 -17.96 -26.92
N VAL D 9 -23.71 -18.50 -25.76
CA VAL D 9 -22.92 -18.31 -24.53
C VAL D 9 -22.68 -19.68 -23.89
N LYS D 10 -21.47 -19.94 -23.40
CA LYS D 10 -21.17 -21.18 -22.65
C LYS D 10 -20.55 -20.79 -21.32
N ARG D 11 -20.94 -21.49 -20.26
CA ARG D 11 -20.29 -21.36 -18.94
C ARG D 11 -19.29 -22.51 -18.87
N MET D 12 -18.07 -22.31 -19.37
CA MET D 12 -16.99 -23.32 -19.37
C MET D 12 -15.65 -22.63 -19.68
N ASP D 13 -14.54 -23.31 -19.39
CA ASP D 13 -13.17 -22.77 -19.60
C ASP D 13 -12.97 -22.56 -21.11
N ILE D 14 -12.65 -21.33 -21.51
CA ILE D 14 -12.39 -20.96 -22.93
C ILE D 14 -11.19 -21.77 -23.48
N ALA D 15 -10.31 -22.26 -22.61
CA ALA D 15 -9.16 -23.11 -22.99
C ALA D 15 -9.67 -24.46 -23.52
N LYS D 16 -10.95 -24.79 -23.32
CA LYS D 16 -11.54 -26.04 -23.82
C LYS D 16 -12.64 -25.78 -24.84
N ASN D 17 -12.55 -24.67 -25.58
CA ASN D 17 -13.60 -24.27 -26.55
C ASN D 17 -13.72 -25.27 -27.72
N ASP D 18 -14.84 -25.21 -28.43
CA ASP D 18 -15.17 -26.06 -29.59
C ASP D 18 -15.21 -25.22 -30.86
N GLU D 19 -14.54 -24.07 -30.93
CA GLU D 19 -14.54 -23.22 -32.14
C GLU D 19 -13.18 -23.20 -32.87
N GLU D 20 -13.14 -22.57 -34.04
CA GLU D 20 -11.98 -22.66 -34.97
C GLU D 20 -10.83 -21.75 -34.53
N CYS D 21 -11.06 -20.83 -33.59
CA CYS D 21 -10.02 -19.93 -33.06
C CYS D 21 -10.52 -19.32 -31.75
N VAL D 22 -9.59 -18.73 -31.02
CA VAL D 22 -9.86 -18.22 -29.66
C VAL D 22 -9.33 -16.79 -29.57
N VAL D 23 -10.07 -15.96 -28.84
CA VAL D 23 -9.65 -14.59 -28.44
C VAL D 23 -9.14 -14.65 -27.02
N ASN D 24 -7.90 -14.25 -26.84
CA ASN D 24 -7.30 -14.13 -25.51
C ASN D 24 -7.62 -12.74 -24.98
N ALA D 25 -7.97 -12.65 -23.70
CA ALA D 25 -8.04 -11.39 -22.94
C ALA D 25 -6.61 -11.04 -22.51
N ALA D 26 -5.82 -10.45 -23.41
CA ALA D 26 -4.34 -10.35 -23.27
C ALA D 26 -3.95 -9.11 -22.47
N ASN D 27 -2.72 -9.11 -21.97
CA ASN D 27 -2.05 -7.88 -21.49
C ASN D 27 -1.14 -7.35 -22.59
N PRO D 28 -0.80 -6.05 -22.55
CA PRO D 28 -0.02 -5.43 -23.63
C PRO D 28 1.41 -5.99 -23.81
N ARG D 29 1.95 -6.63 -22.79
CA ARG D 29 3.38 -7.09 -22.74
C ARG D 29 3.53 -8.55 -23.19
N GLY D 30 2.44 -9.26 -23.47
CA GLY D 30 2.49 -10.69 -23.85
C GLY D 30 2.94 -11.57 -22.69
N LEU D 31 2.60 -11.19 -21.45
CA LEU D 31 2.93 -11.97 -20.23
C LEU D 31 1.84 -13.01 -19.99
N PRO D 32 2.17 -14.11 -19.28
CA PRO D 32 1.20 -15.17 -18.94
C PRO D 32 -0.06 -14.70 -18.21
N GLY D 33 0.10 -13.69 -17.35
CA GLY D 33 -1.05 -13.00 -16.75
C GLY D 33 -1.76 -13.86 -15.74
N ASP D 34 -3.07 -13.64 -15.59
CA ASP D 34 -4.02 -14.36 -14.70
C ASP D 34 -5.39 -14.53 -15.39
N GLY D 35 -6.33 -15.28 -14.80
CA GLY D 35 -7.69 -15.49 -15.34
C GLY D 35 -7.63 -16.17 -16.71
N VAL D 36 -8.41 -15.66 -17.68
CA VAL D 36 -8.43 -16.17 -19.09
C VAL D 36 -7.01 -16.29 -19.62
N CYS D 37 -6.19 -15.26 -19.44
CA CYS D 37 -4.85 -15.13 -20.05
C CYS D 37 -3.95 -16.30 -19.61
N LYS D 38 -4.02 -16.68 -18.33
CA LYS D 38 -3.20 -17.78 -17.76
C LYS D 38 -3.65 -19.13 -18.33
N ALA D 39 -4.97 -19.32 -18.53
CA ALA D 39 -5.54 -20.58 -19.07
C ALA D 39 -5.13 -20.74 -20.54
N VAL D 40 -5.12 -19.63 -21.27
CA VAL D 40 -4.67 -19.54 -22.68
C VAL D 40 -3.16 -19.82 -22.71
N TYR D 41 -2.36 -19.24 -21.79
CA TYR D 41 -0.90 -19.53 -21.72
C TYR D 41 -0.61 -21.03 -21.49
N LYS D 42 -1.37 -21.67 -20.61
CA LYS D 42 -1.20 -23.11 -20.28
C LYS D 42 -1.58 -23.97 -21.49
N LYS D 43 -2.63 -23.60 -22.22
CA LYS D 43 -3.17 -24.40 -23.36
C LYS D 43 -2.34 -24.16 -24.64
N TRP D 44 -1.97 -22.92 -24.95
CA TRP D 44 -1.37 -22.53 -26.26
C TRP D 44 -0.15 -21.66 -25.99
N PRO D 45 0.84 -22.13 -25.20
CA PRO D 45 2.00 -21.29 -24.84
C PRO D 45 2.79 -20.77 -26.06
N GLU D 46 2.81 -21.54 -27.15
CA GLU D 46 3.53 -21.19 -28.41
C GLU D 46 2.97 -19.88 -28.99
N SER D 47 1.69 -19.58 -28.74
CA SER D 47 1.00 -18.38 -29.30
C SER D 47 1.49 -17.09 -28.64
N PHE D 48 2.29 -17.18 -27.56
CA PHE D 48 2.82 -15.97 -26.86
C PHE D 48 4.15 -15.44 -27.41
N LYS D 49 4.64 -16.05 -28.50
CA LYS D 49 5.87 -15.60 -29.20
C LYS D 49 5.57 -14.29 -29.92
N ASN D 50 6.16 -13.18 -29.45
CA ASN D 50 5.93 -11.82 -30.01
C ASN D 50 4.42 -11.52 -30.04
N SER D 51 3.71 -11.83 -28.96
CA SER D 51 2.26 -11.50 -28.83
C SER D 51 2.06 -10.08 -28.28
N ALA D 52 3.12 -9.38 -27.83
CA ALA D 52 2.96 -8.04 -27.23
C ALA D 52 2.37 -7.09 -28.27
N THR D 53 1.41 -6.27 -27.84
CA THR D 53 0.65 -5.36 -28.74
C THR D 53 -0.01 -4.29 -27.88
N PRO D 54 -0.21 -3.07 -28.42
CA PRO D 54 -0.75 -1.97 -27.63
C PRO D 54 -2.21 -2.19 -27.21
N VAL D 55 -2.63 -1.44 -26.19
CA VAL D 55 -4.06 -1.34 -25.77
C VAL D 55 -4.92 -0.96 -26.99
N GLY D 56 -6.08 -1.59 -27.12
CA GLY D 56 -7.02 -1.34 -28.25
C GLY D 56 -6.68 -2.01 -29.58
N THR D 57 -5.73 -2.97 -29.55
CA THR D 57 -5.26 -3.73 -30.73
C THR D 57 -5.51 -5.23 -30.53
N ALA D 58 -5.41 -5.99 -31.63
CA ALA D 58 -5.47 -7.46 -31.62
C ALA D 58 -4.28 -7.97 -32.43
N LYS D 59 -3.61 -8.99 -31.96
CA LYS D 59 -2.48 -9.57 -32.72
C LYS D 59 -2.68 -11.09 -32.68
N THR D 60 -2.76 -11.70 -33.86
CA THR D 60 -3.00 -13.16 -34.03
C THR D 60 -1.65 -13.90 -34.13
N VAL D 61 -1.43 -14.87 -33.25
CA VAL D 61 -0.27 -15.81 -33.30
C VAL D 61 -0.81 -17.25 -33.33
N MET D 62 -0.26 -18.08 -34.22
CA MET D 62 -0.70 -19.49 -34.41
C MET D 62 -0.03 -20.37 -33.36
N CYS D 63 -0.81 -21.29 -32.78
CA CYS D 63 -0.28 -22.42 -31.98
C CYS D 63 -0.50 -23.66 -32.86
N GLY D 64 0.55 -24.10 -33.55
CA GLY D 64 0.37 -25.01 -34.69
C GLY D 64 -0.39 -24.33 -35.80
N THR D 65 -1.64 -24.75 -36.11
CA THR D 65 -2.51 -24.09 -37.11
C THR D 65 -3.72 -23.43 -36.41
N TYR D 66 -3.76 -23.44 -35.08
CA TYR D 66 -4.90 -22.90 -34.30
C TYR D 66 -4.59 -21.43 -33.96
N PRO D 67 -5.40 -20.48 -34.46
CA PRO D 67 -5.16 -19.05 -34.27
C PRO D 67 -5.61 -18.62 -32.87
N VAL D 68 -4.72 -17.89 -32.19
CA VAL D 68 -4.98 -17.24 -30.89
C VAL D 68 -4.92 -15.73 -31.18
N ILE D 69 -6.06 -15.06 -31.07
CA ILE D 69 -6.20 -13.60 -31.31
C ILE D 69 -5.99 -12.93 -29.96
N HIS D 70 -4.79 -12.38 -29.70
CA HIS D 70 -4.52 -11.65 -28.46
C HIS D 70 -5.12 -10.25 -28.56
N ALA D 71 -6.22 -10.02 -27.84
CA ALA D 71 -6.95 -8.71 -27.83
C ALA D 71 -6.67 -7.99 -26.51
N VAL D 72 -6.17 -6.74 -26.56
CA VAL D 72 -5.76 -6.00 -25.34
C VAL D 72 -6.82 -4.95 -25.02
N GLY D 73 -7.69 -5.28 -24.10
CA GLY D 73 -8.68 -4.30 -23.61
C GLY D 73 -8.00 -3.36 -22.64
N PRO D 74 -8.57 -2.18 -22.38
CA PRO D 74 -7.99 -1.25 -21.44
C PRO D 74 -8.21 -1.67 -19.99
N ASN D 75 -7.23 -1.39 -19.14
CA ASN D 75 -7.36 -1.51 -17.67
C ASN D 75 -8.01 -0.23 -17.14
N PHE D 76 -9.28 -0.31 -16.73
CA PHE D 76 -10.06 0.86 -16.23
C PHE D 76 -9.52 1.32 -14.86
N SER D 77 -8.58 0.63 -14.24
CA SER D 77 -7.81 1.22 -13.13
C SER D 77 -6.91 2.36 -13.64
N ASN D 78 -6.47 2.31 -14.92
CA ASN D 78 -5.48 3.25 -15.48
C ASN D 78 -6.18 4.32 -16.30
N TYR D 79 -7.20 3.94 -17.08
CA TYR D 79 -7.91 4.77 -18.06
C TYR D 79 -9.13 5.43 -17.40
N THR D 80 -9.46 6.62 -17.86
CA THR D 80 -10.76 7.27 -17.56
C THR D 80 -11.90 6.49 -18.20
N GLU D 81 -13.12 6.71 -17.71
CA GLU D 81 -14.31 6.08 -18.34
C GLU D 81 -14.34 6.42 -19.82
N SER D 82 -14.09 7.68 -20.16
CA SER D 82 -14.18 8.15 -21.54
C SER D 82 -13.11 7.44 -22.41
N GLU D 83 -11.85 7.53 -22.02
CA GLU D 83 -10.73 7.03 -22.88
C GLU D 83 -10.80 5.49 -22.91
N GLY D 84 -11.15 4.85 -21.79
CA GLY D 84 -11.35 3.40 -21.71
C GLY D 84 -12.42 2.91 -22.66
N ASP D 85 -13.59 3.58 -22.67
CA ASP D 85 -14.71 3.19 -23.55
C ASP D 85 -14.25 3.15 -25.01
N ARG D 86 -13.41 4.12 -25.43
CA ARG D 86 -12.91 4.22 -26.82
C ARG D 86 -12.00 3.00 -27.09
N GLU D 87 -11.12 2.67 -26.16
CA GLU D 87 -10.10 1.59 -26.36
C GLU D 87 -10.80 0.22 -26.34
N LEU D 88 -11.86 0.04 -25.53
CA LEU D 88 -12.64 -1.24 -25.46
C LEU D 88 -13.34 -1.45 -26.79
N ALA D 89 -14.03 -0.42 -27.34
CA ALA D 89 -14.61 -0.47 -28.69
C ALA D 89 -13.52 -0.86 -29.71
N ALA D 90 -12.34 -0.25 -29.65
CA ALA D 90 -11.25 -0.46 -30.65
C ALA D 90 -10.73 -1.91 -30.59
N ALA D 91 -10.53 -2.47 -29.39
CA ALA D 91 -10.02 -3.86 -29.21
C ALA D 91 -10.99 -4.83 -29.90
N TYR D 92 -12.30 -4.71 -29.66
CA TYR D 92 -13.30 -5.53 -30.35
C TYR D 92 -13.34 -5.33 -31.88
N ARG D 93 -13.20 -4.08 -32.34
CA ARG D 93 -13.12 -3.74 -33.79
C ARG D 93 -11.95 -4.50 -34.42
N GLU D 94 -10.78 -4.51 -33.77
CA GLU D 94 -9.56 -5.19 -34.30
C GLU D 94 -9.71 -6.73 -34.22
N VAL D 95 -10.40 -7.27 -33.21
CA VAL D 95 -10.78 -8.72 -33.20
C VAL D 95 -11.65 -9.05 -34.42
N ALA D 96 -12.73 -8.31 -34.68
CA ALA D 96 -13.65 -8.56 -35.82
C ALA D 96 -12.86 -8.61 -37.15
N LYS D 97 -11.91 -7.69 -37.32
CA LYS D 97 -11.04 -7.60 -38.52
C LYS D 97 -10.19 -8.88 -38.65
N GLU D 98 -9.57 -9.33 -37.55
CA GLU D 98 -8.75 -10.59 -37.57
C GLU D 98 -9.64 -11.80 -37.90
N VAL D 99 -10.82 -11.91 -37.31
CA VAL D 99 -11.78 -13.03 -37.57
C VAL D 99 -12.11 -13.08 -39.07
N THR D 100 -12.46 -11.94 -39.66
CA THR D 100 -12.76 -11.83 -41.12
C THR D 100 -11.52 -12.27 -41.91
N ARG D 101 -10.33 -11.74 -41.58
CA ARG D 101 -9.07 -11.96 -42.35
C ARG D 101 -8.68 -13.45 -42.31
N LEU D 102 -8.96 -14.14 -41.20
CA LEU D 102 -8.59 -15.55 -41.01
C LEU D 102 -9.61 -16.44 -41.73
N GLY D 103 -10.80 -15.93 -42.02
CA GLY D 103 -11.81 -16.69 -42.79
C GLY D 103 -12.43 -17.83 -41.97
N VAL D 104 -12.33 -17.79 -40.64
CA VAL D 104 -12.89 -18.84 -39.74
C VAL D 104 -14.41 -18.84 -39.78
N ASN D 105 -14.97 -19.99 -39.48
CA ASN D 105 -16.43 -20.24 -39.40
C ASN D 105 -16.91 -19.91 -37.98
N SER D 106 -16.03 -19.94 -36.99
CA SER D 106 -16.43 -19.74 -35.58
C SER D 106 -15.27 -19.18 -34.76
N VAL D 107 -15.61 -18.57 -33.63
CA VAL D 107 -14.65 -17.91 -32.71
C VAL D 107 -15.19 -17.99 -31.29
N ALA D 108 -14.33 -18.35 -30.34
CA ALA D 108 -14.52 -18.32 -28.89
C ALA D 108 -13.99 -16.97 -28.39
N ILE D 109 -14.80 -16.24 -27.62
N ILE D 109 -14.84 -16.20 -27.68
CA ILE D 109 -14.48 -14.84 -27.19
CA ILE D 109 -14.51 -14.83 -27.19
C ILE D 109 -14.94 -14.61 -25.76
C ILE D 109 -14.91 -14.70 -25.72
N PRO D 110 -14.05 -14.06 -24.89
CA PRO D 110 -14.43 -13.68 -23.55
C PRO D 110 -14.86 -12.20 -23.54
N LEU D 111 -15.45 -11.74 -22.44
CA LEU D 111 -15.80 -10.30 -22.29
C LEU D 111 -14.56 -9.53 -21.80
N LEU D 112 -13.95 -8.77 -22.71
CA LEU D 112 -12.77 -7.93 -22.44
C LEU D 112 -13.04 -6.92 -21.34
N SER D 113 -12.06 -6.72 -20.47
CA SER D 113 -12.04 -5.65 -19.43
C SER D 113 -13.13 -5.86 -18.36
N THR D 114 -13.65 -7.08 -18.15
CA THR D 114 -14.72 -7.35 -17.14
C THR D 114 -14.18 -8.03 -15.88
N GLY D 115 -12.89 -8.40 -15.88
CA GLY D 115 -12.22 -9.02 -14.75
C GLY D 115 -11.32 -8.03 -14.01
N VAL D 116 -10.05 -8.38 -13.87
CA VAL D 116 -9.08 -7.54 -13.11
C VAL D 116 -8.85 -6.22 -13.86
N TYR D 117 -9.29 -6.08 -15.11
CA TYR D 117 -9.20 -4.79 -15.89
C TYR D 117 -10.48 -3.94 -15.71
N SER D 118 -11.39 -4.36 -14.83
CA SER D 118 -12.73 -3.70 -14.70
C SER D 118 -12.68 -2.45 -13.83
N GLY D 119 -11.59 -2.21 -13.08
CA GLY D 119 -11.47 -1.08 -12.15
C GLY D 119 -12.54 -1.17 -11.06
N GLY D 120 -12.85 -2.40 -10.61
CA GLY D 120 -13.82 -2.68 -9.52
C GLY D 120 -15.28 -2.49 -9.93
N LYS D 121 -15.60 -2.38 -11.23
CA LYS D 121 -16.98 -2.03 -11.67
C LYS D 121 -17.54 -3.18 -12.51
N ASP D 122 -18.87 -3.33 -12.51
CA ASP D 122 -19.58 -4.32 -13.34
C ASP D 122 -19.68 -3.76 -14.76
N ARG D 123 -18.92 -4.33 -15.69
CA ARG D 123 -18.88 -3.90 -17.11
C ARG D 123 -19.48 -4.95 -18.06
N LEU D 124 -20.36 -5.83 -17.61
CA LEU D 124 -20.98 -6.86 -18.49
C LEU D 124 -21.70 -6.23 -19.69
N THR D 125 -22.66 -5.32 -19.46
CA THR D 125 -23.45 -4.71 -20.56
C THR D 125 -22.50 -3.90 -21.46
N GLN D 126 -21.59 -3.15 -20.89
CA GLN D 126 -20.68 -2.26 -21.67
C GLN D 126 -19.81 -3.16 -22.56
N SER D 127 -19.21 -4.19 -21.99
CA SER D 127 -18.29 -5.07 -22.78
C SER D 127 -19.08 -5.84 -23.85
N LEU D 128 -20.26 -6.35 -23.51
CA LEU D 128 -21.14 -7.10 -24.44
C LEU D 128 -21.61 -6.21 -25.59
N ASN D 129 -21.90 -4.94 -25.32
CA ASN D 129 -22.40 -3.97 -26.34
C ASN D 129 -21.30 -3.70 -27.39
N HIS D 130 -20.06 -3.51 -26.97
CA HIS D 130 -18.90 -3.32 -27.89
C HIS D 130 -18.62 -4.63 -28.68
N LEU D 131 -18.83 -5.79 -28.06
CA LEU D 131 -18.68 -7.13 -28.71
C LEU D 131 -19.71 -7.24 -29.86
N PHE D 132 -21.01 -6.96 -29.59
CA PHE D 132 -22.09 -7.10 -30.61
C PHE D 132 -21.80 -6.15 -31.78
N THR D 133 -21.42 -4.91 -31.47
CA THR D 133 -21.19 -3.86 -32.50
C THR D 133 -20.07 -4.29 -33.43
N ALA D 134 -18.94 -4.76 -32.90
CA ALA D 134 -17.77 -5.18 -33.73
C ALA D 134 -18.13 -6.43 -34.54
N MET D 135 -18.67 -7.43 -33.86
CA MET D 135 -18.77 -8.81 -34.41
C MET D 135 -19.98 -8.91 -35.36
N ASP D 136 -20.97 -8.00 -35.27
CA ASP D 136 -22.08 -7.98 -36.26
C ASP D 136 -21.54 -7.79 -37.69
N SER D 137 -20.34 -7.21 -37.87
CA SER D 137 -19.68 -6.98 -39.19
C SER D 137 -19.07 -8.27 -39.74
N THR D 138 -19.10 -9.40 -39.02
CA THR D 138 -18.56 -10.72 -39.47
C THR D 138 -19.73 -11.68 -39.76
N ASP D 139 -19.49 -12.81 -40.43
CA ASP D 139 -20.53 -13.87 -40.54
C ASP D 139 -20.13 -15.14 -39.78
N ALA D 140 -19.29 -15.02 -38.75
CA ALA D 140 -18.83 -16.16 -37.94
C ALA D 140 -19.87 -16.51 -36.88
N ASP D 141 -19.93 -17.78 -36.52
CA ASP D 141 -20.59 -18.23 -35.27
C ASP D 141 -19.71 -17.70 -34.14
N VAL D 142 -20.27 -16.88 -33.27
CA VAL D 142 -19.57 -16.33 -32.08
C VAL D 142 -20.06 -17.07 -30.85
N VAL D 143 -19.13 -17.56 -30.05
CA VAL D 143 -19.42 -18.25 -28.77
C VAL D 143 -18.71 -17.50 -27.64
N ILE D 144 -19.50 -16.93 -26.73
CA ILE D 144 -19.03 -16.13 -25.57
C ILE D 144 -18.84 -17.07 -24.40
N TYR D 145 -17.68 -17.02 -23.75
CA TYR D 145 -17.30 -17.89 -22.60
C TYR D 145 -17.31 -17.02 -21.33
N CYS D 146 -18.03 -17.47 -20.31
CA CYS D 146 -18.10 -16.87 -18.94
C CYS D 146 -17.94 -18.00 -17.92
N ARG D 147 -17.71 -17.65 -16.66
N ARG D 147 -17.74 -17.60 -16.66
CA ARG D 147 -17.51 -18.64 -15.56
CA ARG D 147 -17.39 -18.47 -15.51
C ARG D 147 -18.64 -18.53 -14.54
C ARG D 147 -18.37 -18.28 -14.34
N ASP D 148 -19.39 -17.42 -14.52
CA ASP D 148 -20.42 -17.15 -13.47
C ASP D 148 -21.84 -17.50 -13.96
N LYS D 149 -22.62 -18.21 -13.16
CA LYS D 149 -24.00 -18.62 -13.54
C LYS D 149 -24.88 -17.40 -13.79
N GLU D 150 -24.77 -16.35 -12.97
CA GLU D 150 -25.63 -15.14 -13.13
C GLU D 150 -25.16 -14.36 -14.37
N TRP D 151 -23.85 -14.34 -14.69
CA TRP D 151 -23.35 -13.70 -15.94
C TRP D 151 -23.83 -14.46 -17.17
N GLU D 152 -23.77 -15.80 -17.11
CA GLU D 152 -24.29 -16.66 -18.20
C GLU D 152 -25.75 -16.29 -18.48
N LYS D 153 -26.58 -16.16 -17.44
CA LYS D 153 -28.04 -15.85 -17.60
C LYS D 153 -28.19 -14.47 -18.24
N LYS D 154 -27.49 -13.47 -17.73
CA LYS D 154 -27.55 -12.08 -18.25
C LYS D 154 -27.06 -12.01 -19.69
N ILE D 155 -25.91 -12.64 -20.02
CA ILE D 155 -25.43 -12.70 -21.43
C ILE D 155 -26.50 -13.38 -22.29
N SER D 156 -27.06 -14.49 -21.84
CA SER D 156 -28.13 -15.21 -22.60
C SER D 156 -29.32 -14.26 -22.84
N GLU D 157 -29.75 -13.55 -21.80
CA GLU D 157 -30.90 -12.60 -21.92
C GLU D 157 -30.57 -11.56 -23.00
N ALA D 158 -29.35 -11.03 -23.02
CA ALA D 158 -28.94 -9.97 -23.97
C ALA D 158 -28.98 -10.50 -25.41
N ILE D 159 -28.54 -11.73 -25.64
CA ILE D 159 -28.54 -12.33 -27.01
C ILE D 159 -30.01 -12.42 -27.46
N GLN D 160 -30.89 -12.92 -26.59
CA GLN D 160 -32.34 -13.13 -26.91
C GLN D 160 -32.98 -11.80 -27.31
N MET D 161 -32.66 -10.72 -26.59
CA MET D 161 -33.35 -9.41 -26.72
C MET D 161 -33.00 -8.69 -28.02
N ARG D 162 -31.98 -9.13 -28.76
CA ARG D 162 -31.57 -8.48 -30.05
C ARG D 162 -32.38 -9.05 -31.21
N THR D 163 -32.95 -10.24 -31.05
CA THR D 163 -33.72 -10.92 -32.12
C THR D 163 -35.12 -10.29 -32.18
S DMS E . -7.06 -0.41 5.55
O DMS E . -6.60 -1.62 4.77
C1 DMS E . -7.05 -0.87 7.25
C2 DMS E . -8.83 -0.34 5.35
S DMS F . -11.16 -16.58 16.23
O DMS F . -11.36 -15.63 15.07
C1 DMS F . -10.18 -17.92 15.59
C2 DMS F . -12.69 -17.47 16.39
S DMS G . -8.43 -12.47 27.87
O DMS G . -7.45 -13.35 27.14
C1 DMS G . -7.45 -11.37 28.87
C2 DMS G . -9.10 -13.45 29.17
C TRS H . -3.50 -31.84 11.67
C1 TRS H . -2.28 -31.11 12.25
C2 TRS H . -3.78 -31.43 10.23
C3 TRS H . -3.29 -33.36 11.75
N TRS H . -4.70 -31.48 12.51
O1 TRS H . -2.04 -31.47 13.62
O2 TRS H . -2.71 -31.72 9.33
O3 TRS H . -4.52 -34.05 11.78
S DMS I . 4.02 -17.50 0.37
O DMS I . 4.93 -17.12 1.50
C1 DMS I . 2.57 -16.50 0.52
C2 DMS I . 3.28 -19.05 0.82
S DMS J . -6.92 -14.51 20.91
O DMS J . -6.09 -15.20 19.83
C1 DMS J . -8.13 -13.51 20.07
C2 DMS J . -5.89 -13.21 21.54
S DMS K . 8.06 -6.88 27.51
O DMS K . 8.59 -6.30 26.24
C1 DMS K . 7.69 -5.47 28.56
C2 DMS K . 9.44 -7.59 28.41
CL CL L . -8.80 -17.47 20.08
CL CL M . -5.22 -10.36 26.09
CL CL N . -4.25 0.00 19.68
S DMS O . -5.78 21.39 16.68
O DMS O . -4.58 21.46 17.61
C1 DMS O . -6.16 19.68 16.49
C2 DMS O . -5.19 21.71 15.03
S DMS P . -8.16 16.78 21.38
O DMS P . -7.95 15.38 21.87
C1 DMS P . -7.10 17.78 22.41
C2 DMS P . -9.69 17.25 22.13
S DMS Q . -9.03 25.49 12.01
O DMS Q . -7.74 25.36 12.78
C1 DMS Q . -8.66 26.48 10.58
C2 DMS Q . -10.06 26.65 12.88
CL CL R . -5.29 24.28 10.63
CL CL S . -7.35 21.64 20.10
S DMS T . 16.05 6.51 -5.45
O DMS T . 14.63 7.01 -5.40
C1 DMS T . 16.32 6.00 -7.12
C2 DMS T . 17.08 7.94 -5.40
CL CL U . 20.72 2.09 -7.56
CL CL V . 13.98 7.37 -2.13
S DMS W . 19.10 23.03 -17.23
O DMS W . 17.86 22.61 -16.53
C1 DMS W . 19.96 21.56 -17.67
C2 DMS W . 20.23 23.61 -15.99
S DMS X . -1.10 -3.80 -2.41
O DMS X . -0.08 -3.60 -1.30
C1 DMS X . -2.44 -2.70 -2.05
C2 DMS X . -1.95 -5.33 -2.07
C10 W6D Y . 25.77 10.82 -13.04
C02 W6D Y . 27.04 6.93 -14.85
C04 W6D Y . 25.89 7.32 -13.98
C05 W6D Y . 24.95 6.34 -13.61
C06 W6D Y . 23.88 6.67 -12.79
C07 W6D Y . 23.70 7.96 -12.32
C08 W6D Y . 24.62 8.93 -12.69
C11 W6D Y . 26.44 9.86 -13.73
C12 W6D Y . 25.72 8.64 -13.53
N01 W6D Y . 27.76 5.86 -14.48
N09 W6D Y . 24.69 10.27 -12.40
O03 W6D Y . 27.32 7.59 -15.85
S DMS Z . 20.79 1.25 -3.03
O DMS Z . 20.33 2.23 -4.08
C1 DMS Z . 21.24 2.22 -1.62
C2 DMS Z . 22.42 0.74 -3.51
S DMS AA . 20.46 -0.68 1.40
O DMS AA . 21.15 -0.98 0.09
C1 DMS AA . 20.32 1.09 1.49
C2 DMS AA . 21.69 -0.89 2.67
S DMS BA . -12.48 -11.06 -18.00
O DMS BA . -11.66 -11.73 -16.95
C1 DMS BA . -13.81 -12.19 -18.38
C2 DMS BA . -11.58 -11.23 -19.52
S DMS CA . -1.67 -28.65 -22.72
O DMS CA . -3.06 -28.10 -22.58
C1 DMS CA . -0.80 -28.15 -21.26
C2 DMS CA . -0.82 -27.60 -23.88
S DMS DA . -5.52 -9.81 -17.43
O DMS DA . -4.44 -10.56 -18.13
C1 DMS DA . -6.60 -11.02 -16.73
C2 DMS DA . -6.63 -9.21 -18.70
S DMS EA . -0.78 -14.56 -38.88
O DMS EA . -2.20 -15.01 -38.56
C1 DMS EA . 0.30 -15.32 -37.69
C2 DMS EA . -0.62 -12.87 -38.35
CL CL FA . -18.11 -14.33 -15.76
CL CL GA . -10.08 -8.49 -17.73
#